data_4RV5
#
_entry.id   4RV5
#
_cell.length_a   98.525
_cell.length_b   100.588
_cell.length_c   150.602
_cell.angle_alpha   90.00
_cell.angle_beta   90.00
_cell.angle_gamma   90.00
#
_symmetry.space_group_name_H-M   'C 2 2 21'
#
loop_
_entity.id
_entity.type
_entity.pdbx_description
1 polymer 'Amino acid/amide ABC transporter substrate-binding protein, HAAT family'
2 non-polymer 'PYRUVIC ACID'
3 non-polymer 'MAGNESIUM ION'
4 non-polymer 'FORMIC ACID'
5 water water
#
_entity_poly.entity_id   1
_entity_poly.type   'polypeptide(L)'
_entity_poly.pdbx_seq_one_letter_code
;SNATNTDTNSTNNSPNNTTNTTTNVTTTSDKNTIPIGIALAQTSNVALLGQEQVAGAKIAEKYFNDKGGVNGTPIKLIFQ
DTAGDEAGTINAFQTLINKDKVVGIVGPTLSQQAFSANPIAERAKVPVVGPSNTAKGIPEIGDYVARVSAPVSVVAPNSV
KAALKQNPNIKKVAVFFAQNDAFSKSETEIFQQTVKDQGLELVTVQKFQTTDTDFQSQATNAINLKPDLVIISGLAADGG
NLVRQLRELGYQGAIIGGNGLNTSNVFAVCKALCDGVLIAQAYSPEYTGEINKAFRQAYVDQYKKEPPQFSAQAFAAVQV
YVESLKALDTKNKVSKIQLPELRTELNKQLLTGKYNTPLGEISFTPIGEVVQKDFYVAQIK(MSE)EKDGSQGKFTFLK
;
_entity_poly.pdbx_strand_id   A,B
#
loop_
_chem_comp.id
_chem_comp.type
_chem_comp.name
_chem_comp.formula
FMT non-polymer 'FORMIC ACID' 'C H2 O2'
MG non-polymer 'MAGNESIUM ION' 'Mg 2'
PYR non-polymer 'PYRUVIC ACID' 'C3 H4 O3'
#
# COMPACT_ATOMS: atom_id res chain seq x y z
N ASN A 32 20.28 -26.61 19.69
CA ASN A 32 19.68 -25.28 19.63
C ASN A 32 20.09 -24.50 18.39
N THR A 33 19.11 -23.86 17.77
CA THR A 33 19.32 -23.12 16.55
C THR A 33 18.50 -21.84 16.59
N ILE A 34 18.85 -20.90 15.71
CA ILE A 34 18.15 -19.63 15.62
C ILE A 34 17.24 -19.65 14.38
N PRO A 35 15.93 -19.54 14.58
CA PRO A 35 14.98 -19.68 13.45
C PRO A 35 14.80 -18.37 12.68
N ILE A 36 15.00 -18.44 11.36
CA ILE A 36 14.80 -17.33 10.46
C ILE A 36 13.72 -17.76 9.47
N GLY A 37 12.66 -16.96 9.33
CA GLY A 37 11.56 -17.31 8.47
C GLY A 37 11.82 -16.93 7.03
N ILE A 38 11.43 -17.81 6.12
CA ILE A 38 11.52 -17.59 4.70
C ILE A 38 10.10 -17.73 4.16
N ALA A 39 9.54 -16.61 3.71
CA ALA A 39 8.16 -16.54 3.22
C ALA A 39 8.19 -16.13 1.76
N LEU A 40 8.18 -17.13 0.89
CA LEU A 40 8.32 -16.93 -0.55
C LEU A 40 7.24 -17.70 -1.27
N ALA A 41 7.02 -17.35 -2.54
CA ALA A 41 6.08 -18.08 -3.36
C ALA A 41 6.72 -19.40 -3.81
N GLN A 42 6.40 -20.48 -3.12
CA GLN A 42 6.87 -21.81 -3.47
C GLN A 42 5.87 -22.54 -4.36
N THR A 43 4.64 -22.03 -4.43
CA THR A 43 3.60 -22.51 -5.29
C THR A 43 2.96 -21.30 -6.00
N SER A 44 2.11 -21.61 -6.98
CA SER A 44 1.47 -20.65 -7.89
C SER A 44 2.44 -20.24 -8.99
N ASN A 45 1.95 -19.50 -9.98
CA ASN A 45 2.84 -18.97 -11.00
C ASN A 45 3.86 -17.98 -10.47
N VAL A 46 3.62 -17.44 -9.27
CA VAL A 46 4.61 -16.56 -8.64
C VAL A 46 5.89 -17.36 -8.27
N ALA A 47 5.75 -18.68 -8.15
CA ALA A 47 6.91 -19.54 -7.89
C ALA A 47 7.88 -19.59 -9.07
N LEU A 48 7.49 -19.10 -10.25
CA LEU A 48 8.45 -18.97 -11.34
C LEU A 48 9.58 -18.01 -10.95
N LEU A 49 9.30 -17.10 -10.01
CA LEU A 49 10.34 -16.28 -9.37
CA LEU A 49 10.34 -16.29 -9.39
C LEU A 49 10.80 -16.92 -8.07
N GLY A 50 9.84 -17.37 -7.26
CA GLY A 50 10.14 -17.88 -5.93
C GLY A 50 11.09 -19.06 -5.91
N GLN A 51 11.02 -19.95 -6.90
CA GLN A 51 11.90 -21.12 -6.94
C GLN A 51 13.38 -20.72 -6.90
N GLU A 52 13.72 -19.65 -7.61
CA GLU A 52 15.10 -19.17 -7.65
C GLU A 52 15.52 -18.67 -6.27
N GLN A 53 14.58 -18.09 -5.57
CA GLN A 53 14.84 -17.50 -4.27
C GLN A 53 15.07 -18.59 -3.24
N VAL A 54 14.25 -19.64 -3.28
CA VAL A 54 14.46 -20.79 -2.41
C VAL A 54 15.86 -21.35 -2.63
N ALA A 55 16.28 -21.47 -3.89
CA ALA A 55 17.61 -22.00 -4.19
C ALA A 55 18.69 -21.15 -3.55
N GLY A 56 18.59 -19.83 -3.69
CA GLY A 56 19.58 -18.94 -3.09
C GLY A 56 19.59 -19.00 -1.58
N ALA A 57 18.41 -19.07 -0.97
CA ALA A 57 18.32 -19.13 0.48
C ALA A 57 18.96 -20.41 1.02
N LYS A 58 18.72 -21.53 0.36
CA LYS A 58 19.32 -22.79 0.79
C LYS A 58 20.85 -22.77 0.66
N ILE A 59 21.35 -22.16 -0.41
CA ILE A 59 22.79 -22.01 -0.55
C ILE A 59 23.36 -21.18 0.61
N ALA A 60 22.65 -20.12 0.96
CA ALA A 60 23.07 -19.29 2.08
C ALA A 60 23.07 -20.06 3.39
N GLU A 61 22.03 -20.84 3.65
CA GLU A 61 21.96 -21.56 4.91
C GLU A 61 23.19 -22.46 5.09
N LYS A 62 23.55 -23.19 4.04
CA LYS A 62 24.73 -24.05 4.10
C LYS A 62 26.01 -23.24 4.25
N TYR A 63 26.16 -22.19 3.45
CA TYR A 63 27.35 -21.38 3.49
C TYR A 63 27.59 -20.81 4.89
N PHE A 64 26.55 -20.24 5.48
CA PHE A 64 26.70 -19.63 6.80
C PHE A 64 26.80 -20.64 7.91
N ASN A 65 26.06 -21.74 7.85
CA ASN A 65 26.21 -22.75 8.89
C ASN A 65 27.55 -23.45 8.83
N ASP A 66 28.11 -23.62 7.64
CA ASP A 66 29.46 -24.21 7.52
C ASP A 66 30.52 -23.30 8.12
N LYS A 67 30.19 -22.02 8.29
CA LYS A 67 31.07 -21.05 8.95
C LYS A 67 30.74 -20.87 10.43
N GLY A 68 29.90 -21.76 10.96
CA GLY A 68 29.56 -21.76 12.37
C GLY A 68 28.28 -21.03 12.72
N GLY A 69 27.49 -20.64 11.74
CA GLY A 69 26.24 -19.96 12.04
C GLY A 69 26.48 -18.63 12.73
N VAL A 70 25.81 -18.45 13.86
CA VAL A 70 25.90 -17.22 14.65
C VAL A 70 26.79 -17.53 15.86
N ASN A 71 28.09 -17.25 15.72
CA ASN A 71 29.05 -17.50 16.79
C ASN A 71 28.96 -18.91 17.35
N GLY A 72 28.75 -19.88 16.45
CA GLY A 72 28.67 -21.28 16.81
C GLY A 72 27.27 -21.85 16.84
N THR A 73 26.26 -21.00 16.94
CA THR A 73 24.87 -21.48 16.97
C THR A 73 24.33 -21.51 15.54
N PRO A 74 23.95 -22.69 15.04
CA PRO A 74 23.43 -22.72 13.66
C PRO A 74 22.16 -21.91 13.51
N ILE A 75 21.96 -21.37 12.31
CA ILE A 75 20.63 -20.89 11.94
C ILE A 75 19.81 -22.05 11.41
N LYS A 76 18.50 -21.86 11.42
CA LYS A 76 17.58 -22.80 10.79
C LYS A 76 16.57 -21.99 10.00
N LEU A 77 16.59 -22.16 8.69
CA LEU A 77 15.58 -21.52 7.85
C LEU A 77 14.28 -22.30 7.94
N ILE A 78 13.21 -21.58 8.24
CA ILE A 78 11.88 -22.15 8.32
C ILE A 78 11.07 -21.58 7.18
N PHE A 79 10.71 -22.45 6.24
CA PHE A 79 9.98 -22.03 5.06
C PHE A 79 8.47 -22.12 5.28
N GLN A 80 7.77 -21.03 4.95
CA GLN A 80 6.30 -21.06 4.88
C GLN A 80 5.90 -20.46 3.54
N ASP A 81 5.32 -21.29 2.69
CA ASP A 81 4.88 -20.87 1.37
C ASP A 81 3.80 -19.79 1.48
N THR A 82 3.95 -18.71 0.72
CA THR A 82 2.94 -17.66 0.64
C THR A 82 1.87 -17.91 -0.43
N ALA A 83 2.14 -18.84 -1.33
CA ALA A 83 1.39 -18.94 -2.57
C ALA A 83 1.44 -17.58 -3.28
N GLY A 84 0.43 -17.29 -4.10
CA GLY A 84 0.54 -16.19 -5.05
C GLY A 84 -0.24 -14.93 -4.71
N ASP A 85 -0.91 -14.89 -3.56
CA ASP A 85 -1.80 -13.78 -3.24
C ASP A 85 -1.48 -13.16 -1.88
N GLU A 86 -2.27 -12.16 -1.50
CA GLU A 86 -2.05 -11.43 -0.26
C GLU A 86 -2.43 -12.28 0.95
N ALA A 87 -3.60 -12.91 0.90
CA ALA A 87 -4.05 -13.74 2.02
C ALA A 87 -3.02 -14.81 2.36
N GLY A 88 -2.44 -15.45 1.35
CA GLY A 88 -1.46 -16.48 1.59
C GLY A 88 -0.20 -15.95 2.25
N THR A 89 0.16 -14.72 1.91
CA THR A 89 1.34 -14.08 2.50
C THR A 89 1.07 -13.71 3.95
N ILE A 90 -0.09 -13.13 4.22
CA ILE A 90 -0.49 -12.81 5.59
C ILE A 90 -0.46 -14.08 6.43
N ASN A 91 -1.02 -15.17 5.92
N ASN A 91 -1.03 -15.15 5.92
CA ASN A 91 -1.05 -16.41 6.68
CA ASN A 91 -1.04 -16.42 6.65
C ASN A 91 0.37 -16.94 6.94
C ASN A 91 0.37 -16.90 6.94
N ALA A 92 1.23 -16.88 5.93
CA ALA A 92 2.61 -17.33 6.09
C ALA A 92 3.33 -16.50 7.14
N PHE A 93 3.17 -15.18 7.09
CA PHE A 93 3.83 -14.31 8.05
C PHE A 93 3.32 -14.60 9.48
N GLN A 94 2.00 -14.74 9.64
CA GLN A 94 1.45 -14.99 10.96
C GLN A 94 1.91 -16.34 11.52
N THR A 95 1.99 -17.36 10.67
CA THR A 95 2.50 -18.64 11.11
C THR A 95 3.96 -18.54 11.54
N LEU A 96 4.78 -17.89 10.73
CA LEU A 96 6.19 -17.74 11.06
C LEU A 96 6.38 -16.99 12.37
N ILE A 97 5.59 -15.94 12.57
CA ILE A 97 5.73 -15.10 13.76
C ILE A 97 5.24 -15.81 15.02
N ASN A 98 4.09 -16.44 14.90
CA ASN A 98 3.39 -16.94 16.08
C ASN A 98 3.66 -18.39 16.41
N LYS A 99 3.71 -19.26 15.40
CA LYS A 99 3.99 -20.67 15.61
C LYS A 99 5.49 -20.96 15.56
N ASP A 100 6.18 -20.45 14.54
CA ASP A 100 7.58 -20.79 14.34
C ASP A 100 8.52 -19.88 15.14
N LYS A 101 7.99 -18.81 15.72
CA LYS A 101 8.76 -17.94 16.62
C LYS A 101 10.04 -17.40 15.97
N VAL A 102 9.93 -17.02 14.71
CA VAL A 102 11.15 -16.63 14.00
C VAL A 102 11.66 -15.28 14.49
N VAL A 103 12.97 -15.08 14.36
CA VAL A 103 13.57 -13.81 14.77
C VAL A 103 13.38 -12.71 13.71
N GLY A 104 13.11 -13.11 12.48
CA GLY A 104 12.92 -12.20 11.36
C GLY A 104 12.48 -12.99 10.16
N ILE A 105 12.00 -12.28 9.15
CA ILE A 105 11.48 -12.86 7.93
C ILE A 105 12.24 -12.35 6.72
N VAL A 106 12.54 -13.24 5.78
CA VAL A 106 12.94 -12.90 4.42
C VAL A 106 11.72 -13.15 3.52
N GLY A 107 11.27 -12.12 2.83
CA GLY A 107 10.13 -12.24 1.92
C GLY A 107 9.36 -10.96 1.89
N PRO A 108 8.21 -10.95 1.22
CA PRO A 108 7.71 -12.01 0.35
C PRO A 108 8.29 -11.82 -1.06
N THR A 109 7.83 -12.63 -2.01
CA THR A 109 8.34 -12.52 -3.38
C THR A 109 7.90 -11.23 -4.08
N LEU A 110 6.66 -10.82 -3.90
CA LEU A 110 6.11 -9.69 -4.66
C LEU A 110 5.82 -8.47 -3.81
N SER A 111 6.08 -7.30 -4.39
CA SER A 111 5.63 -6.05 -3.76
C SER A 111 4.12 -6.05 -3.53
N GLN A 112 3.34 -6.61 -4.46
CA GLN A 112 1.89 -6.72 -4.28
C GLN A 112 1.56 -7.37 -2.95
N GLN A 113 2.28 -8.43 -2.62
CA GLN A 113 2.07 -9.13 -1.37
C GLN A 113 2.60 -8.35 -0.17
N ALA A 114 3.77 -7.74 -0.34
CA ALA A 114 4.42 -6.98 0.73
C ALA A 114 3.57 -5.82 1.22
N PHE A 115 2.92 -5.09 0.32
CA PHE A 115 2.15 -3.93 0.78
C PHE A 115 1.00 -4.35 1.69
N SER A 116 0.46 -5.54 1.46
N SER A 116 0.42 -5.53 1.44
CA SER A 116 -0.64 -6.01 2.27
CA SER A 116 -0.62 -6.06 2.33
C SER A 116 -0.17 -6.73 3.55
C SER A 116 -0.07 -6.61 3.61
N ALA A 117 0.90 -7.51 3.46
CA ALA A 117 1.36 -8.36 4.57
C ALA A 117 2.42 -7.73 5.46
N ASN A 118 3.33 -6.95 4.91
CA ASN A 118 4.39 -6.39 5.73
C ASN A 118 3.87 -5.57 6.91
N PRO A 119 2.72 -4.84 6.76
CA PRO A 119 2.21 -4.12 7.93
C PRO A 119 1.90 -5.05 9.11
N ILE A 120 1.59 -6.32 8.85
CA ILE A 120 1.40 -7.30 9.93
C ILE A 120 2.68 -7.44 10.76
N ALA A 121 3.80 -7.62 10.07
CA ALA A 121 5.09 -7.74 10.74
C ALA A 121 5.50 -6.44 11.42
N GLU A 122 5.23 -5.31 10.76
CA GLU A 122 5.51 -4.01 11.35
C GLU A 122 4.80 -3.87 12.69
N ARG A 123 3.50 -4.18 12.71
CA ARG A 123 2.70 -4.05 13.93
C ARG A 123 3.22 -4.98 15.01
N ALA A 124 3.65 -6.16 14.60
CA ALA A 124 4.18 -7.16 15.51
C ALA A 124 5.64 -6.93 15.94
N LYS A 125 6.28 -5.93 15.35
CA LYS A 125 7.69 -5.62 15.61
C LYS A 125 8.60 -6.82 15.30
N VAL A 126 8.42 -7.35 14.10
CA VAL A 126 9.23 -8.44 13.56
C VAL A 126 9.91 -7.94 12.29
N PRO A 127 11.25 -7.98 12.20
CA PRO A 127 11.88 -7.47 10.97
C PRO A 127 11.52 -8.32 9.75
N VAL A 128 11.42 -7.62 8.63
CA VAL A 128 11.23 -8.19 7.31
C VAL A 128 12.32 -7.60 6.42
N VAL A 129 12.99 -8.47 5.65
CA VAL A 129 13.94 -8.06 4.63
C VAL A 129 13.42 -8.59 3.30
N GLY A 130 13.02 -7.66 2.42
CA GLY A 130 12.49 -8.02 1.13
C GLY A 130 13.59 -8.40 0.16
N PRO A 131 13.44 -9.53 -0.53
CA PRO A 131 14.49 -10.01 -1.42
C PRO A 131 14.29 -9.65 -2.90
N SER A 132 13.10 -9.11 -3.23
CA SER A 132 12.67 -8.96 -4.62
C SER A 132 11.47 -8.04 -4.67
N ASN A 133 11.43 -7.03 -3.79
CA ASN A 133 10.32 -6.10 -3.73
C ASN A 133 10.85 -4.76 -4.17
N THR A 134 10.61 -4.40 -5.42
CA THR A 134 11.29 -3.28 -6.05
C THR A 134 10.39 -2.09 -6.33
N ALA A 135 9.12 -2.17 -5.91
CA ALA A 135 8.20 -1.05 -6.08
C ALA A 135 8.59 0.14 -5.22
N LYS A 136 8.21 1.33 -5.68
CA LYS A 136 8.34 2.51 -4.85
C LYS A 136 7.52 2.32 -3.58
N GLY A 137 8.10 2.68 -2.44
CA GLY A 137 7.36 2.71 -1.19
C GLY A 137 7.55 1.53 -0.25
N ILE A 138 8.30 0.51 -0.63
CA ILE A 138 8.45 -0.66 0.23
C ILE A 138 9.10 -0.35 1.59
N PRO A 139 10.29 0.29 1.62
CA PRO A 139 10.89 0.54 2.94
C PRO A 139 10.06 1.49 3.79
N GLU A 140 9.27 2.35 3.14
CA GLU A 140 8.40 3.29 3.82
C GLU A 140 7.22 2.62 4.50
N ILE A 141 7.00 1.34 4.28
CA ILE A 141 5.93 0.65 4.99
C ILE A 141 6.12 0.77 6.51
N GLY A 142 7.36 0.75 6.97
CA GLY A 142 7.59 0.92 8.38
C GLY A 142 9.02 0.71 8.81
N ASP A 143 9.22 0.84 10.11
CA ASP A 143 10.53 0.79 10.73
C ASP A 143 11.14 -0.62 10.78
N TYR A 144 10.32 -1.64 10.51
CA TYR A 144 10.75 -3.03 10.51
C TYR A 144 10.88 -3.61 9.11
N VAL A 145 10.69 -2.78 8.08
CA VAL A 145 10.75 -3.23 6.69
C VAL A 145 11.99 -2.66 6.00
N ALA A 146 12.88 -3.56 5.57
CA ALA A 146 14.04 -3.20 4.77
C ALA A 146 14.01 -4.06 3.51
N ARG A 147 14.84 -3.74 2.54
CA ARG A 147 14.95 -4.58 1.35
C ARG A 147 16.40 -4.59 0.87
N VAL A 148 16.79 -5.72 0.28
CA VAL A 148 18.08 -5.83 -0.38
C VAL A 148 17.96 -5.75 -1.91
N SER A 149 16.72 -5.66 -2.42
CA SER A 149 16.44 -5.61 -3.84
C SER A 149 16.33 -4.18 -4.34
N ALA A 150 17.28 -3.76 -5.16
CA ALA A 150 17.31 -2.40 -5.66
C ALA A 150 16.01 -2.08 -6.41
N PRO A 151 15.49 -0.87 -6.21
CA PRO A 151 14.17 -0.56 -6.73
C PRO A 151 14.12 -0.18 -8.21
N VAL A 152 12.89 -0.14 -8.73
CA VAL A 152 12.67 0.14 -10.14
C VAL A 152 13.33 1.45 -10.60
N SER A 153 13.32 2.46 -9.74
CA SER A 153 13.83 3.76 -10.14
C SER A 153 15.30 3.73 -10.49
N VAL A 154 16.05 2.80 -9.88
CA VAL A 154 17.48 2.72 -10.15
C VAL A 154 17.84 1.63 -11.15
N VAL A 155 17.03 0.59 -11.27
CA VAL A 155 17.35 -0.54 -12.13
C VAL A 155 16.83 -0.34 -13.56
N ALA A 156 15.56 0.05 -13.70
CA ALA A 156 14.88 0.00 -14.99
C ALA A 156 15.46 0.92 -16.07
N PRO A 157 15.89 2.14 -15.72
CA PRO A 157 16.34 3.02 -16.80
C PRO A 157 17.50 2.46 -17.61
N ASN A 158 18.34 1.63 -17.00
N ASN A 158 18.30 1.63 -16.94
CA ASN A 158 19.50 1.16 -17.75
CA ASN A 158 19.46 0.96 -17.53
C ASN A 158 19.15 0.26 -18.93
C ASN A 158 19.10 0.23 -18.82
N SER A 159 18.03 -0.46 -18.87
N SER A 159 17.97 -0.46 -18.80
CA SER A 159 17.67 -1.29 -20.01
CA SER A 159 17.55 -1.23 -19.96
C SER A 159 17.18 -0.42 -21.20
C SER A 159 17.25 -0.37 -21.16
N VAL A 160 16.56 0.73 -20.92
CA VAL A 160 16.20 1.65 -22.00
C VAL A 160 17.48 2.20 -22.65
N LYS A 161 18.44 2.59 -21.81
CA LYS A 161 19.71 3.09 -22.33
C LYS A 161 20.44 2.02 -23.15
N ALA A 162 20.39 0.77 -22.70
CA ALA A 162 21.02 -0.31 -23.45
C ALA A 162 20.34 -0.53 -24.79
N ALA A 163 19.02 -0.46 -24.82
CA ALA A 163 18.29 -0.59 -26.09
C ALA A 163 18.72 0.49 -27.08
N LEU A 164 18.86 1.72 -26.60
N LEU A 164 18.86 1.72 -26.60
CA LEU A 164 19.26 2.82 -27.46
CA LEU A 164 19.26 2.83 -27.45
C LEU A 164 20.71 2.70 -27.93
C LEU A 164 20.71 2.70 -27.93
N LYS A 165 21.56 2.07 -27.13
CA LYS A 165 22.93 1.80 -27.55
C LYS A 165 22.92 0.79 -28.71
N GLN A 166 22.09 -0.24 -28.61
CA GLN A 166 22.02 -1.26 -29.66
C GLN A 166 21.30 -0.77 -30.91
N ASN A 167 20.36 0.14 -30.74
CA ASN A 167 19.71 0.78 -31.89
C ASN A 167 19.45 2.25 -31.62
N PRO A 168 20.42 3.10 -31.97
CA PRO A 168 20.28 4.53 -31.70
C PRO A 168 19.14 5.19 -32.47
N ASN A 169 18.54 4.49 -33.43
CA ASN A 169 17.46 5.05 -34.23
C ASN A 169 16.06 4.72 -33.71
N ILE A 170 15.96 4.10 -32.54
CA ILE A 170 14.66 3.91 -31.90
C ILE A 170 14.00 5.28 -31.71
N LYS A 171 12.76 5.40 -32.14
CA LYS A 171 11.98 6.62 -31.95
C LYS A 171 10.64 6.35 -31.25
N LYS A 172 9.96 5.28 -31.62
CA LYS A 172 8.61 5.00 -31.12
C LYS A 172 8.64 3.83 -30.15
N VAL A 173 7.98 4.00 -29.01
CA VAL A 173 7.98 3.01 -27.95
C VAL A 173 6.56 2.66 -27.54
N ALA A 174 6.25 1.37 -27.49
CA ALA A 174 5.00 0.86 -26.95
C ALA A 174 5.28 0.22 -25.60
N VAL A 175 4.47 0.55 -24.61
CA VAL A 175 4.64 0.06 -23.25
C VAL A 175 3.44 -0.79 -22.85
N PHE A 176 3.70 -1.90 -22.16
CA PHE A 176 2.69 -2.80 -21.64
C PHE A 176 2.91 -2.97 -20.14
N PHE A 177 1.85 -3.02 -19.35
CA PHE A 177 2.01 -3.35 -17.93
C PHE A 177 0.82 -4.08 -17.36
N ALA A 178 1.11 -4.84 -16.32
CA ALA A 178 0.12 -5.61 -15.57
C ALA A 178 -0.55 -4.71 -14.55
N GLN A 179 -1.78 -4.31 -14.84
CA GLN A 179 -2.46 -3.31 -14.05
C GLN A 179 -2.92 -3.82 -12.67
N ASN A 180 -2.90 -5.13 -12.46
CA ASN A 180 -3.30 -5.69 -11.18
C ASN A 180 -2.12 -5.88 -10.22
N ASP A 181 -0.89 -5.55 -10.64
CA ASP A 181 0.30 -5.86 -9.85
C ASP A 181 1.03 -4.58 -9.43
N ALA A 182 1.25 -4.44 -8.13
CA ALA A 182 1.80 -3.19 -7.59
C ALA A 182 3.18 -2.88 -8.17
N PHE A 183 4.04 -3.89 -8.24
CA PHE A 183 5.36 -3.69 -8.81
C PHE A 183 5.29 -3.27 -10.27
N SER A 184 4.45 -3.93 -11.05
CA SER A 184 4.37 -3.63 -12.46
C SER A 184 3.91 -2.19 -12.70
N LYS A 185 2.96 -1.73 -11.90
CA LYS A 185 2.50 -0.35 -11.99
C LYS A 185 3.61 0.64 -11.63
N SER A 186 4.40 0.32 -10.61
CA SER A 186 5.50 1.19 -10.24
C SER A 186 6.61 1.19 -11.30
N GLU A 187 6.92 0.01 -11.82
CA GLU A 187 7.96 -0.12 -12.83
C GLU A 187 7.59 0.62 -14.11
N THR A 188 6.33 0.49 -14.54
CA THR A 188 5.95 1.11 -15.80
C THR A 188 6.05 2.63 -15.72
N GLU A 189 5.80 3.20 -14.55
N GLU A 189 5.81 3.20 -14.56
CA GLU A 189 5.93 4.63 -14.38
CA GLU A 189 5.95 4.64 -14.43
C GLU A 189 7.37 5.05 -14.69
C GLU A 189 7.39 5.08 -14.66
N ILE A 190 8.34 4.30 -14.16
CA ILE A 190 9.75 4.61 -14.41
C ILE A 190 10.10 4.42 -15.88
N PHE A 191 9.65 3.32 -16.48
CA PHE A 191 9.94 3.14 -17.90
C PHE A 191 9.35 4.28 -18.74
N GLN A 192 8.11 4.66 -18.47
CA GLN A 192 7.48 5.73 -19.24
C GLN A 192 8.25 7.05 -19.05
N GLN A 193 8.66 7.35 -17.83
CA GLN A 193 9.41 8.58 -17.62
C GLN A 193 10.76 8.55 -18.34
N THR A 194 11.40 7.39 -18.35
CA THR A 194 12.68 7.25 -19.01
C THR A 194 12.53 7.44 -20.52
N VAL A 195 11.49 6.83 -21.09
CA VAL A 195 11.20 7.01 -22.51
C VAL A 195 11.07 8.49 -22.84
N LYS A 196 10.34 9.21 -22.01
CA LYS A 196 10.14 10.64 -22.24
C LYS A 196 11.46 11.38 -22.12
N ASP A 197 12.23 11.08 -21.08
CA ASP A 197 13.48 11.79 -20.85
C ASP A 197 14.54 11.53 -21.92
N GLN A 198 14.45 10.37 -22.56
CA GLN A 198 15.35 10.01 -23.65
C GLN A 198 14.88 10.60 -24.97
N GLY A 199 13.79 11.36 -24.95
CA GLY A 199 13.33 12.06 -26.15
C GLY A 199 12.58 11.18 -27.12
N LEU A 200 12.00 10.09 -26.64
CA LEU A 200 11.30 9.14 -27.51
C LEU A 200 9.80 9.39 -27.47
N GLU A 201 9.09 8.86 -28.46
CA GLU A 201 7.65 8.98 -28.56
C GLU A 201 6.99 7.77 -27.94
N LEU A 202 6.15 8.00 -26.94
CA LEU A 202 5.38 6.94 -26.32
C LEU A 202 4.09 6.78 -27.14
N VAL A 203 4.03 5.74 -27.97
CA VAL A 203 2.89 5.59 -28.90
C VAL A 203 1.66 4.93 -28.28
N THR A 204 1.84 4.15 -27.22
CA THR A 204 0.72 3.56 -26.50
C THR A 204 1.21 3.00 -25.19
N VAL A 205 0.28 2.97 -24.23
CA VAL A 205 0.43 2.19 -23.00
C VAL A 205 -0.75 1.21 -22.95
N GLN A 206 -0.45 -0.08 -23.01
CA GLN A 206 -1.44 -1.14 -23.00
C GLN A 206 -1.42 -1.83 -21.65
N LYS A 207 -2.60 -2.18 -21.16
CA LYS A 207 -2.77 -2.86 -19.88
C LYS A 207 -3.13 -4.31 -20.08
N PHE A 208 -2.69 -5.14 -19.14
CA PHE A 208 -3.09 -6.53 -19.07
C PHE A 208 -3.16 -6.96 -17.61
N GLN A 209 -3.59 -8.19 -17.35
CA GLN A 209 -3.55 -8.78 -16.02
C GLN A 209 -2.48 -9.85 -15.97
N THR A 210 -1.85 -10.03 -14.81
CA THR A 210 -0.83 -11.08 -14.67
C THR A 210 -1.40 -12.47 -14.93
N THR A 211 -2.71 -12.65 -14.74
CA THR A 211 -3.36 -13.94 -14.94
C THR A 211 -3.77 -14.18 -16.39
N ASP A 212 -3.66 -13.16 -17.25
CA ASP A 212 -3.97 -13.36 -18.66
C ASP A 212 -2.91 -14.24 -19.32
N THR A 213 -3.35 -15.03 -20.29
CA THR A 213 -2.47 -15.78 -21.17
C THR A 213 -2.49 -15.27 -22.61
N ASP A 214 -3.55 -14.55 -22.99
CA ASP A 214 -3.78 -14.07 -24.35
C ASP A 214 -3.71 -12.55 -24.37
N PHE A 215 -2.92 -12.03 -25.30
CA PHE A 215 -2.68 -10.60 -25.44
C PHE A 215 -2.87 -10.16 -26.87
N GLN A 216 -3.65 -10.88 -27.65
N GLN A 216 -3.64 -10.89 -27.66
CA GLN A 216 -3.69 -10.58 -29.06
CA GLN A 216 -3.76 -10.59 -29.08
C GLN A 216 -4.18 -9.15 -29.35
C GLN A 216 -4.15 -9.14 -29.31
N SER A 217 -5.20 -8.68 -28.64
CA SER A 217 -5.71 -7.34 -28.93
C SER A 217 -4.69 -6.26 -28.57
N GLN A 218 -4.08 -6.35 -27.40
CA GLN A 218 -3.12 -5.33 -27.00
C GLN A 218 -1.89 -5.37 -27.88
N ALA A 219 -1.41 -6.57 -28.19
CA ALA A 219 -0.24 -6.71 -29.04
C ALA A 219 -0.49 -6.13 -30.42
N THR A 220 -1.64 -6.45 -31.01
CA THR A 220 -1.96 -5.90 -32.33
C THR A 220 -2.12 -4.39 -32.28
N ASN A 221 -2.78 -3.87 -31.24
CA ASN A 221 -2.94 -2.42 -31.09
C ASN A 221 -1.58 -1.73 -31.10
N ALA A 222 -0.62 -2.30 -30.40
CA ALA A 222 0.72 -1.74 -30.37
C ALA A 222 1.42 -1.89 -31.72
N ILE A 223 1.39 -3.09 -32.29
CA ILE A 223 2.08 -3.37 -33.55
C ILE A 223 1.60 -2.42 -34.66
N ASN A 224 0.31 -2.09 -34.66
CA ASN A 224 -0.23 -1.19 -35.66
C ASN A 224 0.36 0.22 -35.61
N LEU A 225 0.97 0.57 -34.49
CA LEU A 225 1.59 1.89 -34.29
C LEU A 225 3.07 1.91 -34.67
N LYS A 226 3.58 0.79 -35.16
CA LYS A 226 4.96 0.69 -35.66
C LYS A 226 6.02 1.08 -34.65
N PRO A 227 5.95 0.51 -33.45
CA PRO A 227 7.00 0.82 -32.48
C PRO A 227 8.35 0.22 -32.90
N ASP A 228 9.40 0.90 -32.47
CA ASP A 228 10.77 0.42 -32.59
C ASP A 228 11.25 -0.33 -31.35
N LEU A 229 10.56 -0.11 -30.23
CA LEU A 229 10.89 -0.69 -28.94
C LEU A 229 9.57 -0.99 -28.24
N VAL A 230 9.52 -2.14 -27.57
CA VAL A 230 8.40 -2.54 -26.73
C VAL A 230 8.96 -2.81 -25.34
N ILE A 231 8.29 -2.30 -24.32
CA ILE A 231 8.69 -2.49 -22.93
C ILE A 231 7.54 -3.18 -22.20
N ILE A 232 7.86 -4.23 -21.46
CA ILE A 232 6.87 -5.04 -20.77
C ILE A 232 7.17 -5.10 -19.27
N SER A 233 6.20 -4.65 -18.46
CA SER A 233 6.25 -4.81 -17.02
C SER A 233 5.14 -5.76 -16.58
N GLY A 234 5.51 -7.01 -16.32
CA GLY A 234 4.62 -7.99 -15.75
C GLY A 234 5.44 -8.99 -14.98
N LEU A 235 4.87 -10.17 -14.75
CA LEU A 235 5.60 -11.26 -14.14
C LEU A 235 6.00 -12.27 -15.23
N ALA A 236 6.36 -13.49 -14.85
CA ALA A 236 7.14 -14.34 -15.75
C ALA A 236 6.27 -15.08 -16.77
N ALA A 237 5.22 -15.76 -16.32
CA ALA A 237 4.38 -16.47 -17.28
C ALA A 237 3.69 -15.52 -18.23
N ASP A 238 3.12 -14.46 -17.67
CA ASP A 238 2.44 -13.46 -18.48
C ASP A 238 3.42 -12.73 -19.40
N GLY A 239 4.55 -12.30 -18.85
CA GLY A 239 5.52 -11.60 -19.67
C GLY A 239 6.03 -12.46 -20.80
N GLY A 240 6.34 -13.72 -20.51
CA GLY A 240 6.83 -14.62 -21.53
C GLY A 240 5.80 -14.90 -22.63
N ASN A 241 4.53 -15.05 -22.23
CA ASN A 241 3.47 -15.27 -23.20
C ASN A 241 3.31 -14.05 -24.10
N LEU A 242 3.39 -12.86 -23.52
CA LEU A 242 3.28 -11.63 -24.30
C LEU A 242 4.45 -11.49 -25.28
N VAL A 243 5.68 -11.77 -24.83
CA VAL A 243 6.81 -11.73 -25.74
C VAL A 243 6.57 -12.66 -26.93
N ARG A 244 6.18 -13.89 -26.64
CA ARG A 244 5.97 -14.87 -27.71
C ARG A 244 4.94 -14.35 -28.70
N GLN A 245 3.83 -13.84 -28.18
CA GLN A 245 2.73 -13.40 -29.05
C GLN A 245 3.11 -12.18 -29.89
N LEU A 246 3.85 -11.25 -29.31
CA LEU A 246 4.33 -10.12 -30.11
C LEU A 246 5.13 -10.62 -31.31
N ARG A 247 6.04 -11.55 -31.08
CA ARG A 247 6.82 -12.09 -32.19
C ARG A 247 5.96 -12.87 -33.18
N GLU A 248 5.02 -13.67 -32.68
CA GLU A 248 4.11 -14.39 -33.57
C GLU A 248 3.34 -13.45 -34.49
N LEU A 249 2.95 -12.30 -33.93
CA LEU A 249 2.17 -11.31 -34.66
C LEU A 249 3.03 -10.43 -35.57
N GLY A 250 4.32 -10.71 -35.64
CA GLY A 250 5.21 -10.10 -36.62
C GLY A 250 6.02 -8.92 -36.13
N TYR A 251 6.01 -8.64 -34.84
CA TYR A 251 6.83 -7.55 -34.30
C TYR A 251 8.30 -7.93 -34.39
N GLN A 252 9.11 -7.06 -35.01
CA GLN A 252 10.53 -7.34 -35.23
C GLN A 252 11.47 -6.40 -34.49
N GLY A 253 10.92 -5.47 -33.71
CA GLY A 253 11.73 -4.49 -33.01
C GLY A 253 12.32 -4.98 -31.71
N ALA A 254 12.90 -4.07 -30.95
CA ALA A 254 13.54 -4.43 -29.69
C ALA A 254 12.49 -4.65 -28.60
N ILE A 255 12.86 -5.46 -27.62
CA ILE A 255 12.01 -5.72 -26.46
C ILE A 255 12.83 -5.60 -25.18
N ILE A 256 12.28 -4.87 -24.21
CA ILE A 256 12.75 -4.85 -22.84
C ILE A 256 11.72 -5.53 -21.95
N GLY A 257 12.21 -6.42 -21.09
CA GLY A 257 11.41 -6.95 -20.00
C GLY A 257 11.86 -6.35 -18.68
N GLY A 258 10.89 -6.07 -17.83
CA GLY A 258 11.18 -5.65 -16.47
C GLY A 258 11.56 -6.79 -15.55
N ASN A 259 11.66 -6.46 -14.27
CA ASN A 259 12.22 -7.39 -13.30
C ASN A 259 11.39 -8.66 -13.14
N GLY A 260 10.08 -8.58 -13.41
CA GLY A 260 9.25 -9.76 -13.26
C GLY A 260 9.46 -10.80 -14.34
N LEU A 261 10.14 -10.43 -15.43
CA LEU A 261 10.51 -11.37 -16.49
C LEU A 261 11.93 -11.88 -16.29
N ASN A 262 12.58 -11.49 -15.19
CA ASN A 262 14.01 -11.76 -15.01
C ASN A 262 14.28 -13.16 -14.46
N THR A 263 13.95 -14.16 -15.28
CA THR A 263 14.17 -15.55 -14.92
C THR A 263 14.21 -16.40 -16.18
N SER A 264 15.11 -17.39 -16.18
CA SER A 264 15.15 -18.37 -17.24
C SER A 264 13.85 -19.17 -17.33
N ASN A 265 12.98 -19.06 -16.33
CA ASN A 265 11.67 -19.69 -16.46
C ASN A 265 10.84 -19.07 -17.57
N VAL A 266 11.20 -17.90 -18.10
CA VAL A 266 10.51 -17.41 -19.30
C VAL A 266 10.90 -18.19 -20.56
N PHE A 267 12.07 -18.84 -20.55
CA PHE A 267 12.56 -19.48 -21.76
C PHE A 267 11.59 -20.54 -22.29
N ALA A 268 10.97 -21.30 -21.39
CA ALA A 268 10.04 -22.34 -21.82
C ALA A 268 8.81 -21.75 -22.51
N VAL A 269 8.47 -20.52 -22.15
CA VAL A 269 7.24 -19.90 -22.60
C VAL A 269 7.38 -19.28 -23.98
N CYS A 270 8.43 -18.48 -24.18
CA CYS A 270 8.66 -17.85 -25.48
C CYS A 270 9.64 -18.63 -26.38
N LYS A 271 10.36 -19.62 -25.83
CA LYS A 271 11.27 -20.47 -26.59
C LYS A 271 12.20 -19.61 -27.47
N ALA A 272 12.38 -19.93 -28.75
CA ALA A 272 13.34 -19.18 -29.56
C ALA A 272 12.94 -17.71 -29.64
N LEU A 273 11.64 -17.43 -29.49
CA LEU A 273 11.13 -16.10 -29.62
C LEU A 273 11.41 -15.21 -28.40
N CYS A 274 12.05 -15.76 -27.37
CA CYS A 274 12.59 -14.94 -26.28
C CYS A 274 13.86 -14.20 -26.70
N ASP A 275 14.47 -14.60 -27.82
CA ASP A 275 15.81 -14.12 -28.13
C ASP A 275 15.84 -12.59 -28.26
N GLY A 276 16.83 -11.98 -27.64
CA GLY A 276 17.05 -10.56 -27.76
C GLY A 276 16.44 -9.69 -26.67
N VAL A 277 15.57 -10.24 -25.83
CA VAL A 277 14.94 -9.45 -24.78
C VAL A 277 16.02 -8.92 -23.83
N LEU A 278 15.95 -7.62 -23.54
CA LEU A 278 16.87 -6.95 -22.62
C LEU A 278 16.23 -6.84 -21.25
N ILE A 279 16.98 -7.21 -20.21
CA ILE A 279 16.48 -7.15 -18.84
C ILE A 279 17.58 -6.63 -17.94
N ALA A 280 17.31 -5.52 -17.25
CA ALA A 280 18.26 -4.96 -16.30
C ALA A 280 18.53 -5.91 -15.13
N GLN A 281 19.69 -5.77 -14.52
CA GLN A 281 20.16 -6.67 -13.48
C GLN A 281 20.78 -5.91 -12.33
N ALA A 282 20.51 -6.41 -11.12
CA ALA A 282 21.10 -5.86 -9.89
C ALA A 282 22.13 -6.83 -9.31
N TYR A 283 22.70 -7.67 -10.16
CA TYR A 283 23.63 -8.71 -9.77
C TYR A 283 24.38 -9.13 -11.03
N SER A 284 25.66 -9.45 -10.90
CA SER A 284 26.39 -10.07 -12.00
C SER A 284 27.16 -11.29 -11.53
N PRO A 285 27.00 -12.43 -12.21
CA PRO A 285 27.80 -13.61 -11.84
C PRO A 285 29.31 -13.34 -11.89
N GLU A 286 29.74 -12.40 -12.72
CA GLU A 286 31.16 -12.17 -12.89
C GLU A 286 31.73 -11.13 -11.94
N TYR A 287 30.87 -10.57 -11.08
CA TYR A 287 31.37 -9.69 -10.03
C TYR A 287 32.39 -10.45 -9.17
N THR A 288 33.56 -9.85 -8.93
CA THR A 288 34.69 -10.59 -8.36
C THR A 288 34.80 -10.61 -6.84
N GLY A 289 33.81 -10.12 -6.12
CA GLY A 289 33.85 -10.21 -4.67
C GLY A 289 34.00 -11.66 -4.24
N GLU A 290 34.81 -11.91 -3.21
CA GLU A 290 35.12 -13.27 -2.79
C GLU A 290 33.86 -14.07 -2.47
N ILE A 291 32.88 -13.45 -1.84
CA ILE A 291 31.69 -14.20 -1.47
C ILE A 291 30.86 -14.54 -2.70
N ASN A 292 30.94 -13.71 -3.74
CA ASN A 292 30.26 -14.04 -4.97
C ASN A 292 30.92 -15.22 -5.65
N LYS A 293 32.24 -15.27 -5.59
CA LYS A 293 32.95 -16.42 -6.14
C LYS A 293 32.48 -17.69 -5.44
N ALA A 294 32.34 -17.65 -4.13
CA ALA A 294 31.90 -18.81 -3.36
C ALA A 294 30.46 -19.16 -3.67
N PHE A 295 29.58 -18.15 -3.67
CA PHE A 295 28.18 -18.34 -3.97
C PHE A 295 28.01 -18.88 -5.38
N ARG A 296 28.69 -18.26 -6.34
CA ARG A 296 28.61 -18.66 -7.73
C ARG A 296 29.09 -20.09 -7.91
N GLN A 297 30.21 -20.45 -7.27
CA GLN A 297 30.72 -21.79 -7.44
C GLN A 297 29.74 -22.81 -6.89
N ALA A 298 29.18 -22.53 -5.72
CA ALA A 298 28.20 -23.44 -5.14
C ALA A 298 27.00 -23.56 -6.07
N TYR A 299 26.54 -22.44 -6.62
CA TYR A 299 25.38 -22.46 -7.50
C TYR A 299 25.66 -23.22 -8.79
N VAL A 300 26.75 -22.91 -9.47
CA VAL A 300 27.04 -23.54 -10.76
C VAL A 300 27.24 -25.04 -10.58
N ASP A 301 27.93 -25.44 -9.51
CA ASP A 301 28.18 -26.86 -9.30
C ASP A 301 26.87 -27.63 -9.16
N GLN A 302 25.88 -27.02 -8.51
CA GLN A 302 24.60 -27.70 -8.30
C GLN A 302 23.65 -27.60 -9.48
N TYR A 303 23.48 -26.39 -10.01
CA TYR A 303 22.43 -26.12 -11.00
C TYR A 303 22.95 -26.04 -12.43
N LYS A 304 24.26 -26.07 -12.61
CA LYS A 304 24.87 -26.21 -13.94
C LYS A 304 24.61 -25.00 -14.85
N LYS A 305 24.34 -23.86 -14.25
CA LYS A 305 24.25 -22.59 -14.97
C LYS A 305 24.62 -21.47 -14.02
N GLU A 306 24.73 -20.26 -14.55
CA GLU A 306 25.12 -19.13 -13.72
C GLU A 306 24.00 -18.76 -12.74
N PRO A 307 24.36 -18.26 -11.56
CA PRO A 307 23.33 -17.85 -10.59
C PRO A 307 22.48 -16.70 -11.09
N PRO A 308 21.16 -16.83 -10.98
CA PRO A 308 20.27 -15.73 -11.34
C PRO A 308 20.22 -14.63 -10.28
N GLN A 309 19.87 -13.43 -10.70
CA GLN A 309 19.68 -12.32 -9.78
C GLN A 309 18.85 -12.70 -8.57
N PHE A 310 17.68 -13.32 -8.76
CA PHE A 310 16.82 -13.56 -7.61
C PHE A 310 17.45 -14.50 -6.59
N SER A 311 18.27 -15.43 -7.06
CA SER A 311 18.98 -16.32 -6.15
C SER A 311 20.01 -15.55 -5.33
N ALA A 312 20.76 -14.67 -5.99
CA ALA A 312 21.77 -13.86 -5.31
C ALA A 312 21.14 -12.92 -4.28
N GLN A 313 20.00 -12.33 -4.63
CA GLN A 313 19.34 -11.41 -3.73
C GLN A 313 18.78 -12.14 -2.50
N ALA A 314 18.26 -13.34 -2.69
CA ALA A 314 17.79 -14.14 -1.57
C ALA A 314 18.94 -14.51 -0.64
N PHE A 315 20.08 -14.89 -1.23
CA PHE A 315 21.27 -15.18 -0.45
C PHE A 315 21.65 -13.95 0.38
N ALA A 316 21.65 -12.78 -0.26
CA ALA A 316 22.03 -11.55 0.42
C ALA A 316 21.11 -11.25 1.60
N ALA A 317 19.81 -11.50 1.46
CA ALA A 317 18.89 -11.27 2.56
C ALA A 317 19.21 -12.17 3.75
N VAL A 318 19.49 -13.44 3.50
CA VAL A 318 19.89 -14.33 4.58
C VAL A 318 21.19 -13.86 5.22
N GLN A 319 22.16 -13.46 4.39
CA GLN A 319 23.42 -12.93 4.86
C GLN A 319 23.24 -11.76 5.83
N VAL A 320 22.36 -10.83 5.47
CA VAL A 320 22.08 -9.69 6.33
C VAL A 320 21.65 -10.17 7.71
N TYR A 321 20.75 -11.14 7.78
CA TYR A 321 20.33 -11.66 9.08
C TYR A 321 21.47 -12.35 9.81
N VAL A 322 22.24 -13.19 9.14
CA VAL A 322 23.29 -13.92 9.84
C VAL A 322 24.32 -12.94 10.41
N GLU A 323 24.79 -12.01 9.60
CA GLU A 323 25.84 -11.12 10.03
C GLU A 323 25.32 -10.17 11.11
N SER A 324 24.06 -9.76 11.01
N SER A 324 24.05 -9.78 11.04
CA SER A 324 23.47 -8.93 12.06
CA SER A 324 23.48 -8.90 12.05
C SER A 324 23.32 -9.71 13.36
C SER A 324 23.19 -9.65 13.37
N LEU A 325 22.86 -10.94 13.28
CA LEU A 325 22.76 -11.77 14.47
C LEU A 325 24.12 -11.96 15.14
N LYS A 326 25.17 -12.13 14.34
CA LYS A 326 26.51 -12.27 14.89
C LYS A 326 26.93 -11.00 15.63
N ALA A 327 26.69 -9.86 15.02
CA ALA A 327 27.07 -8.58 15.63
C ALA A 327 26.29 -8.34 16.91
N LEU A 328 25.00 -8.63 16.87
CA LEU A 328 24.16 -8.46 18.04
C LEU A 328 24.62 -9.40 19.16
N ASP A 329 24.81 -10.67 18.82
CA ASP A 329 25.17 -11.69 19.79
C ASP A 329 26.48 -11.37 20.48
N THR A 330 27.43 -10.78 19.76
CA THR A 330 28.69 -10.41 20.36
C THR A 330 28.51 -9.31 21.43
N LYS A 331 27.58 -8.39 21.19
CA LYS A 331 27.31 -7.26 22.10
C LYS A 331 26.30 -7.60 23.19
N ASN A 332 25.47 -8.60 22.95
CA ASN A 332 24.27 -8.83 23.74
C ASN A 332 23.83 -10.26 23.42
N LYS A 333 24.32 -11.21 24.20
CA LYS A 333 24.16 -12.63 23.87
C LYS A 333 22.70 -12.99 23.61
N VAL A 334 22.42 -13.50 22.41
CA VAL A 334 21.02 -13.61 21.98
C VAL A 334 20.27 -14.74 22.69
N SER A 335 21.01 -15.75 23.18
CA SER A 335 20.37 -16.84 23.90
C SER A 335 19.69 -16.35 25.18
N LYS A 336 20.07 -15.16 25.64
CA LYS A 336 19.53 -14.59 26.88
C LYS A 336 18.44 -13.54 26.63
N ILE A 337 18.21 -13.19 25.37
CA ILE A 337 17.24 -12.14 25.05
C ILE A 337 15.89 -12.76 24.73
N GLN A 338 14.83 -12.32 25.41
N GLN A 338 14.84 -12.31 25.41
CA GLN A 338 13.52 -12.84 25.08
CA GLN A 338 13.51 -12.82 25.08
C GLN A 338 13.12 -12.39 23.67
C GLN A 338 13.10 -12.38 23.68
N LEU A 339 12.25 -13.16 23.04
CA LEU A 339 12.00 -13.00 21.62
C LEU A 339 11.55 -11.60 21.18
N PRO A 340 10.63 -10.94 21.91
CA PRO A 340 10.22 -9.61 21.42
C PRO A 340 11.38 -8.62 21.35
N GLU A 341 12.22 -8.60 22.39
CA GLU A 341 13.39 -7.73 22.39
C GLU A 341 14.44 -8.18 21.37
N LEU A 342 14.58 -9.49 21.18
CA LEU A 342 15.53 -10.00 20.20
C LEU A 342 15.16 -9.49 18.81
N ARG A 343 13.89 -9.58 18.46
CA ARG A 343 13.41 -9.07 17.20
C ARG A 343 13.69 -7.58 17.02
N THR A 344 13.37 -6.78 18.04
N THR A 344 13.44 -6.78 18.05
CA THR A 344 13.60 -5.35 17.97
CA THR A 344 13.62 -5.34 17.91
C THR A 344 15.08 -5.01 17.84
C THR A 344 15.09 -4.93 17.92
N GLU A 345 15.92 -5.67 18.64
CA GLU A 345 17.36 -5.42 18.59
C GLU A 345 17.97 -5.90 17.28
N LEU A 346 17.46 -6.99 16.72
CA LEU A 346 17.94 -7.48 15.45
C LEU A 346 17.61 -6.49 14.34
N ASN A 347 16.39 -5.98 14.32
CA ASN A 347 15.99 -4.98 13.34
C ASN A 347 16.90 -3.74 13.44
N LYS A 348 17.13 -3.26 14.66
N LYS A 348 17.11 -3.24 14.65
CA LYS A 348 17.95 -2.09 14.88
CA LYS A 348 17.96 -2.09 14.85
C LYS A 348 19.38 -2.33 14.39
C LYS A 348 19.35 -2.37 14.30
N GLN A 349 19.91 -3.52 14.67
CA GLN A 349 21.24 -3.87 14.21
C GLN A 349 21.36 -3.97 12.70
N LEU A 350 20.45 -4.67 12.06
CA LEU A 350 20.63 -4.93 10.65
C LEU A 350 20.65 -3.64 9.85
N LEU A 351 19.88 -2.65 10.27
CA LEU A 351 19.84 -1.37 9.57
C LEU A 351 21.18 -0.63 9.62
N THR A 352 22.03 -0.96 10.58
CA THR A 352 23.32 -0.29 10.71
C THR A 352 24.47 -1.00 9.99
N GLY A 353 24.24 -2.20 9.50
CA GLY A 353 25.33 -3.01 8.99
C GLY A 353 25.78 -2.68 7.59
N LYS A 354 27.00 -3.09 7.31
CA LYS A 354 27.61 -3.04 5.98
C LYS A 354 27.92 -4.48 5.60
N TYR A 355 27.54 -4.89 4.39
CA TYR A 355 27.59 -6.29 4.01
C TYR A 355 28.28 -6.45 2.67
N ASN A 356 29.27 -7.34 2.61
CA ASN A 356 29.93 -7.66 1.35
C ASN A 356 29.26 -8.90 0.81
N THR A 357 28.31 -8.70 -0.10
CA THR A 357 27.38 -9.74 -0.52
C THR A 357 27.64 -10.12 -1.97
N PRO A 358 26.92 -11.12 -2.49
CA PRO A 358 27.07 -11.40 -3.92
C PRO A 358 26.66 -10.23 -4.82
N LEU A 359 25.81 -9.34 -4.31
CA LEU A 359 25.34 -8.16 -5.03
C LEU A 359 26.34 -7.03 -5.03
N GLY A 360 27.46 -7.21 -4.32
CA GLY A 360 28.38 -6.13 -4.03
C GLY A 360 28.28 -5.69 -2.58
N GLU A 361 29.00 -4.63 -2.27
CA GLU A 361 28.94 -4.02 -0.95
C GLU A 361 27.63 -3.26 -0.84
N ILE A 362 26.80 -3.66 0.12
CA ILE A 362 25.54 -2.99 0.35
C ILE A 362 25.39 -2.59 1.80
N SER A 363 24.46 -1.67 2.01
CA SER A 363 24.09 -1.22 3.32
C SER A 363 22.66 -0.68 3.22
N PHE A 364 22.15 -0.09 4.29
CA PHE A 364 20.79 0.44 4.31
C PHE A 364 20.75 1.91 4.65
N THR A 365 19.78 2.63 4.11
CA THR A 365 19.46 3.95 4.62
C THR A 365 18.73 3.79 5.96
N PRO A 366 18.54 4.89 6.69
CA PRO A 366 17.85 4.78 7.97
C PRO A 366 16.42 4.23 7.90
N ILE A 367 15.79 4.27 6.74
CA ILE A 367 14.44 3.71 6.60
C ILE A 367 14.43 2.35 5.93
N GLY A 368 15.60 1.74 5.70
CA GLY A 368 15.61 0.39 5.18
C GLY A 368 15.74 0.25 3.68
N GLU A 369 16.00 1.34 2.97
CA GLU A 369 16.29 1.25 1.55
C GLU A 369 17.69 0.70 1.33
N VAL A 370 17.87 -0.08 0.28
CA VAL A 370 19.19 -0.62 -0.02
C VAL A 370 20.07 0.47 -0.62
N VAL A 371 21.35 0.41 -0.25
CA VAL A 371 22.42 1.24 -0.83
C VAL A 371 23.27 0.27 -1.64
N GLN A 372 23.28 0.45 -2.95
CA GLN A 372 23.94 -0.46 -3.88
C GLN A 372 24.40 0.35 -5.07
N LYS A 373 25.64 0.12 -5.49
CA LYS A 373 26.24 0.97 -6.53
C LYS A 373 26.14 0.47 -7.96
N ASP A 374 26.28 -0.83 -8.18
CA ASP A 374 26.52 -1.36 -9.52
C ASP A 374 25.32 -2.12 -10.08
N PHE A 375 25.00 -1.76 -11.32
CA PHE A 375 23.89 -2.35 -12.07
C PHE A 375 24.35 -2.72 -13.45
N TYR A 376 23.58 -3.59 -14.10
CA TYR A 376 23.97 -4.18 -15.37
C TYR A 376 22.73 -4.34 -16.23
N VAL A 377 22.94 -4.73 -17.48
CA VAL A 377 21.86 -5.18 -18.35
C VAL A 377 22.32 -6.47 -19.00
N ALA A 378 21.41 -7.43 -19.08
CA ALA A 378 21.66 -8.69 -19.78
C ALA A 378 20.64 -8.85 -20.90
N GLN A 379 20.97 -9.72 -21.83
CA GLN A 379 20.15 -9.96 -22.99
C GLN A 379 19.95 -11.46 -23.15
N ILE A 380 18.71 -11.88 -23.34
CA ILE A 380 18.44 -13.28 -23.55
C ILE A 380 19.01 -13.73 -24.89
N LYS A 381 19.78 -14.80 -24.87
N LYS A 381 19.80 -14.78 -24.86
CA LYS A 381 20.33 -15.40 -26.08
CA LYS A 381 20.33 -15.41 -26.07
C LYS A 381 19.85 -16.84 -26.14
C LYS A 381 19.81 -16.84 -26.11
N MSE A 382 18.93 -17.12 -27.05
CA MSE A 382 18.36 -18.45 -27.21
C MSE A 382 19.11 -19.20 -28.29
O MSE A 382 19.52 -18.62 -29.31
CB MSE A 382 16.89 -18.41 -27.62
CG MSE A 382 15.98 -17.71 -26.66
SE MSE A 382 15.96 -18.43 -24.84
CE MSE A 382 15.29 -20.21 -25.26
H MSE A 382 18.61 -16.54 -27.61
H MSE A 382 18.63 -16.55 -27.63
HA MSE A 382 18.44 -18.94 -26.37
HB2 MSE A 382 16.83 -17.96 -28.48
HB3 MSE A 382 16.57 -19.33 -27.71
HG2 MSE A 382 16.26 -16.77 -26.59
HG3 MSE A 382 15.08 -17.75 -26.99
HE1 MSE A 382 15.22 -20.73 -24.45
HE2 MSE A 382 14.42 -20.13 -25.68
HE3 MSE A 382 15.91 -20.65 -25.87
N GLU A 383 19.29 -20.50 -28.09
N GLU A 383 19.29 -20.50 -28.09
CA GLU A 383 19.73 -21.36 -29.16
CA GLU A 383 19.74 -21.36 -29.17
C GLU A 383 18.60 -21.44 -30.18
C GLU A 383 18.60 -21.47 -30.18
N LYS A 384 18.95 -21.66 -31.45
CA LYS A 384 17.99 -21.63 -32.55
C LYS A 384 16.82 -22.57 -32.35
N ASP A 385 17.09 -23.74 -31.78
CA ASP A 385 16.07 -24.75 -31.57
C ASP A 385 15.07 -24.33 -30.49
N GLY A 386 15.43 -23.31 -29.70
CA GLY A 386 14.52 -22.75 -28.72
C GLY A 386 14.44 -23.52 -27.41
N SER A 387 15.21 -24.61 -27.28
CA SER A 387 15.11 -25.46 -26.10
C SER A 387 16.06 -25.04 -24.99
N GLN A 388 17.01 -24.15 -25.32
CA GLN A 388 18.01 -23.71 -24.35
C GLN A 388 18.37 -22.26 -24.61
N GLY A 389 18.77 -21.57 -23.55
CA GLY A 389 19.27 -20.22 -23.70
C GLY A 389 20.03 -19.77 -22.47
N LYS A 390 20.44 -18.52 -22.48
CA LYS A 390 21.18 -17.95 -21.37
C LYS A 390 21.01 -16.43 -21.37
N PHE A 391 21.38 -15.81 -20.26
CA PHE A 391 21.47 -14.36 -20.16
C PHE A 391 22.90 -13.94 -20.44
N THR A 392 23.08 -13.13 -21.48
CA THR A 392 24.40 -12.59 -21.78
C THR A 392 24.50 -11.19 -21.23
N PHE A 393 25.48 -10.96 -20.38
CA PHE A 393 25.69 -9.64 -19.81
C PHE A 393 26.35 -8.70 -20.78
N LEU A 394 25.76 -7.52 -20.93
CA LEU A 394 26.32 -6.50 -21.79
C LEU A 394 27.51 -5.84 -21.09
N LYS A 395 28.50 -5.48 -21.88
CA LYS A 395 29.71 -4.87 -21.34
C LYS A 395 29.53 -3.36 -21.21
N ASN B 32 -36.27 -13.19 3.45
CA ASN B 32 -35.04 -13.05 2.68
C ASN B 32 -34.55 -11.60 2.67
N THR B 33 -33.24 -11.42 2.84
CA THR B 33 -32.64 -10.10 2.92
C THR B 33 -31.31 -10.12 2.17
N ILE B 34 -30.82 -8.93 1.82
CA ILE B 34 -29.56 -8.80 1.12
C ILE B 34 -28.50 -8.32 2.14
N PRO B 35 -27.46 -9.13 2.38
CA PRO B 35 -26.47 -8.80 3.41
C PRO B 35 -25.38 -7.87 2.88
N ILE B 36 -25.16 -6.77 3.62
CA ILE B 36 -24.10 -5.83 3.33
C ILE B 36 -23.20 -5.77 4.57
N GLY B 37 -21.89 -5.95 4.36
CA GLY B 37 -20.96 -5.98 5.47
C GLY B 37 -20.52 -4.59 5.88
N ILE B 38 -20.42 -4.38 7.18
CA ILE B 38 -19.94 -3.13 7.75
C ILE B 38 -18.73 -3.48 8.62
N ALA B 39 -17.55 -3.06 8.19
CA ALA B 39 -16.29 -3.38 8.86
C ALA B 39 -15.66 -2.09 9.33
N LEU B 40 -15.89 -1.75 10.60
CA LEU B 40 -15.47 -0.49 11.17
C LEU B 40 -14.82 -0.74 12.52
N ALA B 41 -14.08 0.26 12.99
CA ALA B 41 -13.45 0.17 14.30
C ALA B 41 -14.49 0.45 15.39
N GLN B 42 -14.95 -0.63 16.02
CA GLN B 42 -15.90 -0.53 17.12
C GLN B 42 -15.24 -0.66 18.48
N THR B 43 -13.96 -1.06 18.47
CA THR B 43 -13.11 -1.10 19.66
C THR B 43 -11.79 -0.45 19.28
N SER B 44 -10.97 -0.20 20.30
CA SER B 44 -9.69 0.52 20.22
C SER B 44 -9.91 2.03 20.20
N ASN B 45 -8.84 2.81 20.28
CA ASN B 45 -8.98 4.26 20.16
C ASN B 45 -9.50 4.68 18.79
N VAL B 46 -9.39 3.81 17.79
CA VAL B 46 -9.93 4.13 16.48
C VAL B 46 -11.47 4.19 16.53
N ALA B 47 -12.07 3.58 17.56
CA ALA B 47 -13.52 3.66 17.75
C ALA B 47 -14.02 5.07 18.05
N LEU B 48 -13.14 5.99 18.42
N LEU B 48 -13.14 6.00 18.44
CA LEU B 48 -13.58 7.37 18.57
CA LEU B 48 -13.56 7.40 18.55
C LEU B 48 -14.06 7.96 17.22
C LEU B 48 -14.13 7.88 17.21
N LEU B 49 -13.56 7.38 16.11
CA LEU B 49 -14.07 7.67 14.77
C LEU B 49 -15.16 6.66 14.40
N GLY B 50 -14.89 5.38 14.62
CA GLY B 50 -15.79 4.33 14.18
C GLY B 50 -17.19 4.39 14.77
N GLN B 51 -17.33 4.81 16.01
CA GLN B 51 -18.65 4.90 16.63
C GLN B 51 -19.61 5.79 15.83
N GLU B 52 -19.09 6.88 15.30
CA GLU B 52 -19.90 7.80 14.50
C GLU B 52 -20.36 7.13 13.21
N GLN B 53 -19.50 6.29 12.66
CA GLN B 53 -19.79 5.59 11.44
C GLN B 53 -20.87 4.54 11.63
N VAL B 54 -20.77 3.79 12.72
CA VAL B 54 -21.79 2.83 13.08
C VAL B 54 -23.14 3.54 13.19
N ALA B 55 -23.17 4.70 13.84
CA ALA B 55 -24.41 5.45 14.00
C ALA B 55 -25.01 5.81 12.64
N GLY B 56 -24.18 6.30 11.73
CA GLY B 56 -24.68 6.66 10.42
C GLY B 56 -25.15 5.47 9.61
N ALA B 57 -24.44 4.36 9.69
CA ALA B 57 -24.84 3.15 8.98
C ALA B 57 -26.18 2.64 9.49
N LYS B 58 -26.39 2.64 10.80
CA LYS B 58 -27.66 2.17 11.34
C LYS B 58 -28.82 3.07 10.93
N ILE B 59 -28.59 4.38 10.89
CA ILE B 59 -29.62 5.29 10.41
C ILE B 59 -29.95 4.99 8.95
N ALA B 60 -28.94 4.72 8.14
CA ALA B 60 -29.17 4.35 6.74
C ALA B 60 -29.98 3.08 6.62
N GLU B 61 -29.66 2.06 7.41
CA GLU B 61 -30.37 0.80 7.30
C GLU B 61 -31.86 1.00 7.53
N LYS B 62 -32.20 1.75 8.56
CA LYS B 62 -33.61 1.98 8.87
C LYS B 62 -34.25 2.84 7.77
N TYR B 63 -33.57 3.89 7.35
CA TYR B 63 -34.12 4.79 6.34
C TYR B 63 -34.45 4.02 5.05
N PHE B 64 -33.47 3.28 4.55
CA PHE B 64 -33.65 2.58 3.28
C PHE B 64 -34.63 1.42 3.39
N ASN B 65 -34.60 0.69 4.50
CA ASN B 65 -35.57 -0.39 4.67
C ASN B 65 -36.99 0.14 4.82
N ASP B 66 -37.15 1.29 5.47
CA ASP B 66 -38.47 1.89 5.60
C ASP B 66 -39.04 2.27 4.23
N LYS B 67 -38.18 2.52 3.25
CA LYS B 67 -38.61 2.87 1.90
C LYS B 67 -38.77 1.63 1.01
N GLY B 68 -38.60 0.44 1.58
CA GLY B 68 -38.80 -0.80 0.86
C GLY B 68 -37.51 -1.54 0.53
N GLY B 69 -36.38 -1.10 1.06
CA GLY B 69 -35.13 -1.79 0.80
C GLY B 69 -34.75 -1.76 -0.68
N VAL B 70 -34.43 -2.92 -1.20
CA VAL B 70 -34.08 -3.08 -2.62
C VAL B 70 -35.31 -3.62 -3.34
N ASN B 71 -36.11 -2.69 -3.85
CA ASN B 71 -37.32 -3.03 -4.60
C ASN B 71 -38.18 -4.06 -3.86
N GLY B 72 -38.28 -3.88 -2.54
CA GLY B 72 -39.09 -4.76 -1.71
C GLY B 72 -38.30 -5.69 -0.81
N THR B 73 -37.05 -6.00 -1.18
CA THR B 73 -36.22 -6.90 -0.39
C THR B 73 -35.41 -6.07 0.61
N PRO B 74 -35.60 -6.31 1.92
CA PRO B 74 -34.79 -5.53 2.87
C PRO B 74 -33.30 -5.82 2.77
N ILE B 75 -32.49 -4.83 3.10
CA ILE B 75 -31.08 -5.09 3.36
C ILE B 75 -30.90 -5.50 4.82
N LYS B 76 -29.78 -6.14 5.10
CA LYS B 76 -29.37 -6.45 6.46
C LYS B 76 -27.90 -6.08 6.58
N LEU B 77 -27.60 -5.12 7.45
CA LEU B 77 -26.22 -4.78 7.72
C LEU B 77 -25.65 -5.79 8.69
N ILE B 78 -24.49 -6.34 8.34
CA ILE B 78 -23.79 -7.29 9.19
C ILE B 78 -22.50 -6.62 9.65
N PHE B 79 -22.40 -6.35 10.94
CA PHE B 79 -21.25 -5.68 11.51
C PHE B 79 -20.18 -6.65 11.96
N GLN B 80 -18.93 -6.41 11.54
CA GLN B 80 -17.78 -7.13 12.06
CA GLN B 80 -17.79 -7.12 12.05
C GLN B 80 -16.73 -6.10 12.44
N ASP B 81 -16.47 -6.01 13.74
CA ASP B 81 -15.50 -5.08 14.28
C ASP B 81 -14.10 -5.41 13.74
N THR B 82 -13.39 -4.39 13.27
CA THR B 82 -12.03 -4.52 12.79
C THR B 82 -10.98 -4.33 13.89
N ALA B 83 -11.40 -3.79 15.03
CA ALA B 83 -10.47 -3.23 16.00
C ALA B 83 -9.58 -2.18 15.32
N GLY B 84 -8.38 -1.95 15.84
CA GLY B 84 -7.58 -0.81 15.43
C GLY B 84 -6.38 -1.10 14.56
N ASP B 85 -6.18 -2.35 14.15
CA ASP B 85 -4.98 -2.73 13.40
C ASP B 85 -5.32 -3.42 12.08
N GLU B 86 -4.29 -3.83 11.37
CA GLU B 86 -4.48 -4.45 10.07
C GLU B 86 -5.00 -5.87 10.19
N ALA B 87 -4.43 -6.65 11.11
CA ALA B 87 -4.85 -8.04 11.29
C ALA B 87 -6.34 -8.13 11.60
N GLY B 88 -6.82 -7.23 12.45
CA GLY B 88 -8.23 -7.24 12.80
C GLY B 88 -9.13 -6.91 11.62
N THR B 89 -8.65 -6.06 10.74
CA THR B 89 -9.39 -5.68 9.56
C THR B 89 -9.42 -6.83 8.54
N ILE B 90 -8.28 -7.46 8.32
CA ILE B 90 -8.23 -8.64 7.46
C ILE B 90 -9.20 -9.70 7.97
N ASN B 91 -9.19 -9.96 9.29
CA ASN B 91 -10.09 -10.96 9.85
C ASN B 91 -11.55 -10.59 9.64
N ALA B 92 -11.89 -9.32 9.89
CA ALA B 92 -13.26 -8.87 9.69
C ALA B 92 -13.68 -9.04 8.23
N PHE B 93 -12.83 -8.64 7.29
CA PHE B 93 -13.17 -8.75 5.88
C PHE B 93 -13.36 -10.23 5.50
N GLN B 94 -12.45 -11.09 5.93
CA GLN B 94 -12.55 -12.50 5.57
C GLN B 94 -13.83 -13.13 6.15
N THR B 95 -14.19 -12.76 7.38
CA THR B 95 -15.41 -13.25 7.97
C THR B 95 -16.63 -12.77 7.18
N LEU B 96 -16.67 -11.49 6.85
CA LEU B 96 -17.79 -10.96 6.11
C LEU B 96 -17.94 -11.63 4.74
N ILE B 97 -16.82 -11.86 4.08
CA ILE B 97 -16.83 -12.42 2.73
C ILE B 97 -17.21 -13.90 2.76
N ASN B 98 -16.60 -14.65 3.66
CA ASN B 98 -16.71 -16.11 3.64
C ASN B 98 -17.81 -16.69 4.51
N LYS B 99 -18.02 -16.15 5.70
CA LYS B 99 -19.05 -16.65 6.60
C LYS B 99 -20.37 -15.92 6.37
N ASP B 100 -20.31 -14.59 6.32
CA ASP B 100 -21.52 -13.78 6.21
C ASP B 100 -22.01 -13.60 4.77
N LYS B 101 -21.19 -13.99 3.79
CA LYS B 101 -21.60 -14.00 2.38
C LYS B 101 -22.13 -12.65 1.91
N VAL B 102 -21.46 -11.57 2.32
CA VAL B 102 -21.98 -10.26 2.01
C VAL B 102 -21.81 -9.93 0.54
N VAL B 103 -22.69 -9.07 0.01
CA VAL B 103 -22.60 -8.64 -1.37
C VAL B 103 -21.55 -7.56 -1.59
N GLY B 104 -21.16 -6.89 -0.51
CA GLY B 104 -20.22 -5.79 -0.55
C GLY B 104 -19.91 -5.36 0.87
N ILE B 105 -18.84 -4.60 1.02
CA ILE B 105 -18.37 -4.13 2.32
C ILE B 105 -18.33 -2.60 2.33
N VAL B 106 -18.76 -2.01 3.43
CA VAL B 106 -18.46 -0.62 3.79
C VAL B 106 -17.38 -0.66 4.85
N GLY B 107 -16.25 -0.02 4.60
CA GLY B 107 -15.16 0.04 5.55
C GLY B 107 -13.84 0.04 4.82
N PRO B 108 -12.74 -0.03 5.55
CA PRO B 108 -12.65 0.05 7.00
C PRO B 108 -12.59 1.52 7.44
N THR B 109 -12.36 1.77 8.72
CA THR B 109 -12.28 3.14 9.21
C THR B 109 -11.02 3.87 8.73
N LEU B 110 -9.88 3.19 8.72
CA LEU B 110 -8.60 3.85 8.43
C LEU B 110 -7.99 3.43 7.11
N SER B 111 -7.38 4.39 6.42
CA SER B 111 -6.55 4.07 5.27
C SER B 111 -5.43 3.07 5.63
N GLN B 112 -4.83 3.23 6.82
CA GLN B 112 -3.81 2.28 7.27
C GLN B 112 -4.31 0.83 7.19
N GLN B 113 -5.56 0.64 7.60
CA GLN B 113 -6.18 -0.68 7.53
C GLN B 113 -6.54 -1.09 6.11
N ALA B 114 -7.06 -0.14 5.33
CA ALA B 114 -7.50 -0.40 3.96
C ALA B 114 -6.35 -0.89 3.09
N PHE B 115 -5.16 -0.31 3.23
CA PHE B 115 -4.06 -0.72 2.35
C PHE B 115 -3.70 -2.19 2.57
N SER B 116 -3.90 -2.71 3.78
CA SER B 116 -3.65 -4.11 4.06
CA SER B 116 -3.65 -4.15 4.03
C SER B 116 -4.81 -5.04 3.70
N ALA B 117 -6.04 -4.63 4.05
CA ALA B 117 -7.21 -5.51 3.94
C ALA B 117 -7.93 -5.40 2.61
N ASN B 118 -7.97 -4.21 2.01
CA ASN B 118 -8.74 -4.08 0.79
C ASN B 118 -8.24 -5.01 -0.33
N PRO B 119 -6.91 -5.25 -0.42
CA PRO B 119 -6.45 -6.21 -1.44
C PRO B 119 -7.09 -7.59 -1.28
N ILE B 120 -7.48 -7.98 -0.07
CA ILE B 120 -8.18 -9.24 0.15
C ILE B 120 -9.53 -9.25 -0.59
N ALA B 121 -10.28 -8.18 -0.44
CA ALA B 121 -11.56 -8.05 -1.11
C ALA B 121 -11.37 -7.95 -2.63
N GLU B 122 -10.37 -7.20 -3.06
CA GLU B 122 -10.08 -7.07 -4.48
C GLU B 122 -9.85 -8.46 -5.08
N ARG B 123 -8.99 -9.24 -4.45
CA ARG B 123 -8.63 -10.56 -4.95
C ARG B 123 -9.87 -11.45 -4.99
N ALA B 124 -10.74 -11.30 -4.00
CA ALA B 124 -11.98 -12.07 -3.90
C ALA B 124 -13.12 -11.55 -4.78
N LYS B 125 -12.91 -10.42 -5.44
CA LYS B 125 -13.94 -9.78 -6.28
CA LYS B 125 -13.94 -9.78 -6.28
C LYS B 125 -15.20 -9.44 -5.47
N VAL B 126 -14.97 -8.76 -4.35
CA VAL B 126 -16.03 -8.27 -3.47
C VAL B 126 -15.88 -6.75 -3.40
N PRO B 127 -16.93 -5.99 -3.74
CA PRO B 127 -16.77 -4.53 -3.66
C PRO B 127 -16.56 -4.04 -2.23
N VAL B 128 -15.75 -2.99 -2.15
CA VAL B 128 -15.49 -2.23 -0.95
C VAL B 128 -15.77 -0.76 -1.26
N VAL B 129 -16.53 -0.12 -0.39
CA VAL B 129 -16.74 1.32 -0.45
C VAL B 129 -16.19 1.92 0.85
N GLY B 130 -15.12 2.68 0.71
CA GLY B 130 -14.47 3.29 1.87
C GLY B 130 -15.25 4.51 2.35
N PRO B 131 -15.54 4.57 3.67
CA PRO B 131 -16.36 5.67 4.20
C PRO B 131 -15.54 6.82 4.79
N SER B 132 -14.24 6.64 4.91
CA SER B 132 -13.37 7.55 5.67
C SER B 132 -11.91 7.23 5.36
N ASN B 133 -11.61 6.85 4.13
CA ASN B 133 -10.25 6.51 3.74
C ASN B 133 -9.80 7.55 2.74
N THR B 134 -9.05 8.53 3.23
CA THR B 134 -8.80 9.76 2.48
C THR B 134 -7.35 9.88 2.01
N ALA B 135 -6.53 8.86 2.27
CA ALA B 135 -5.15 8.88 1.82
C ALA B 135 -5.05 8.75 0.31
N LYS B 136 -3.97 9.30 -0.23
CA LYS B 136 -3.65 9.08 -1.63
C LYS B 136 -3.51 7.58 -1.88
N GLY B 137 -4.11 7.10 -2.96
CA GLY B 137 -3.89 5.73 -3.40
C GLY B 137 -4.99 4.73 -3.09
N ILE B 138 -6.04 5.13 -2.38
CA ILE B 138 -7.06 4.16 -1.99
C ILE B 138 -7.82 3.57 -3.20
N PRO B 139 -8.37 4.40 -4.10
CA PRO B 139 -9.11 3.80 -5.22
C PRO B 139 -8.18 2.97 -6.13
N GLU B 140 -6.91 3.32 -6.15
CA GLU B 140 -5.90 2.64 -6.94
C GLU B 140 -5.60 1.24 -6.43
N ILE B 141 -6.10 0.88 -5.25
CA ILE B 141 -5.88 -0.49 -4.76
C ILE B 141 -6.46 -1.52 -5.73
N GLY B 142 -7.56 -1.20 -6.38
CA GLY B 142 -8.07 -2.10 -7.39
C GLY B 142 -9.42 -1.73 -7.93
N ASP B 143 -9.92 -2.61 -8.80
CA ASP B 143 -11.17 -2.43 -9.53
C ASP B 143 -12.42 -2.55 -8.68
N TYR B 144 -12.28 -3.10 -7.48
CA TYR B 144 -13.37 -3.31 -6.55
C TYR B 144 -13.33 -2.33 -5.38
N VAL B 145 -12.40 -1.39 -5.40
CA VAL B 145 -12.26 -0.44 -4.30
C VAL B 145 -12.66 0.97 -4.75
N ALA B 146 -13.73 1.47 -4.13
CA ALA B 146 -14.19 2.85 -4.34
C ALA B 146 -14.25 3.53 -2.99
N ARG B 147 -14.43 4.84 -2.97
CA ARG B 147 -14.61 5.55 -1.71
C ARG B 147 -15.61 6.69 -1.89
N VAL B 148 -16.38 6.96 -0.83
CA VAL B 148 -17.23 8.14 -0.79
C VAL B 148 -16.61 9.28 0.02
N SER B 149 -15.45 9.06 0.61
CA SER B 149 -14.77 10.02 1.45
C SER B 149 -13.74 10.81 0.65
N ALA B 150 -14.01 12.09 0.44
CA ALA B 150 -13.14 12.93 -0.37
C ALA B 150 -11.73 12.94 0.19
N PRO B 151 -10.73 12.90 -0.69
CA PRO B 151 -9.36 12.69 -0.23
C PRO B 151 -8.67 13.92 0.31
N VAL B 152 -7.54 13.69 0.97
CA VAL B 152 -6.77 14.77 1.59
C VAL B 152 -6.41 15.88 0.61
N SER B 153 -6.10 15.53 -0.64
CA SER B 153 -5.66 16.54 -1.60
C SER B 153 -6.75 17.58 -1.89
N VAL B 154 -8.01 17.20 -1.73
CA VAL B 154 -9.11 18.13 -1.99
C VAL B 154 -9.63 18.77 -0.69
N VAL B 155 -9.57 18.05 0.41
CA VAL B 155 -10.16 18.54 1.65
C VAL B 155 -9.20 19.45 2.44
N ALA B 156 -7.98 18.99 2.67
CA ALA B 156 -7.08 19.66 3.62
C ALA B 156 -6.76 21.11 3.28
N PRO B 157 -6.56 21.47 1.99
CA PRO B 157 -6.17 22.85 1.76
C PRO B 157 -7.19 23.86 2.24
N ASN B 158 -8.45 23.44 2.30
CA ASN B 158 -9.54 24.34 2.71
C ASN B 158 -9.31 24.94 4.10
N SER B 159 -8.80 24.14 5.04
CA SER B 159 -8.64 24.65 6.39
C SER B 159 -7.46 25.64 6.48
N VAL B 160 -6.41 25.43 5.70
CA VAL B 160 -5.32 26.40 5.67
C VAL B 160 -5.84 27.73 5.13
N LYS B 161 -6.59 27.68 4.04
CA LYS B 161 -7.15 28.89 3.45
C LYS B 161 -8.06 29.60 4.44
N ALA B 162 -8.87 28.83 5.17
CA ALA B 162 -9.77 29.44 6.14
C ALA B 162 -9.01 30.08 7.31
N ALA B 163 -7.93 29.45 7.76
CA ALA B 163 -7.13 30.03 8.84
C ALA B 163 -6.55 31.39 8.41
N LEU B 164 -6.07 31.47 7.17
CA LEU B 164 -5.51 32.71 6.64
C LEU B 164 -6.57 33.80 6.48
N LYS B 165 -7.76 33.41 6.09
CA LYS B 165 -8.86 34.36 5.97
C LYS B 165 -9.21 34.92 7.34
N GLN B 166 -9.23 34.04 8.35
CA GLN B 166 -9.51 34.48 9.72
C GLN B 166 -8.42 35.37 10.29
N ASN B 167 -7.15 35.04 10.01
CA ASN B 167 -6.03 35.83 10.50
C ASN B 167 -4.96 36.00 9.44
N PRO B 168 -5.06 37.09 8.67
CA PRO B 168 -4.08 37.34 7.62
C PRO B 168 -2.66 37.56 8.12
N ASN B 169 -2.46 37.73 9.43
CA ASN B 169 -1.11 37.89 9.95
C ASN B 169 -0.34 36.59 10.08
N ILE B 170 -0.99 35.45 9.86
CA ILE B 170 -0.29 34.18 9.90
C ILE B 170 0.84 34.14 8.87
N LYS B 171 2.05 33.87 9.34
CA LYS B 171 3.20 33.70 8.47
C LYS B 171 3.95 32.42 8.74
N LYS B 172 4.03 32.03 10.01
CA LYS B 172 4.85 30.89 10.42
C LYS B 172 3.99 29.72 10.84
N VAL B 173 4.26 28.55 10.26
CA VAL B 173 3.45 27.36 10.50
C VAL B 173 4.30 26.19 10.99
N ALA B 174 3.87 25.59 12.10
CA ALA B 174 4.46 24.36 12.61
C ALA B 174 3.53 23.20 12.29
N VAL B 175 4.07 22.12 11.77
CA VAL B 175 3.29 20.97 11.32
C VAL B 175 3.68 19.75 12.14
N PHE B 176 2.67 18.99 12.57
CA PHE B 176 2.84 17.76 13.33
C PHE B 176 2.14 16.62 12.59
N PHE B 177 2.73 15.42 12.60
CA PHE B 177 2.02 14.28 12.03
C PHE B 177 2.39 12.97 12.69
N ALA B 178 1.43 12.04 12.61
CA ALA B 178 1.58 10.68 13.14
C ALA B 178 2.29 9.80 12.11
N GLN B 179 3.56 9.53 12.36
CA GLN B 179 4.39 8.86 11.38
C GLN B 179 4.06 7.39 11.18
N ASN B 180 3.30 6.80 12.09
CA ASN B 180 2.91 5.39 11.97
C ASN B 180 1.62 5.18 11.19
N ASP B 181 0.93 6.24 10.80
CA ASP B 181 -0.41 6.13 10.22
C ASP B 181 -0.40 6.60 8.77
N ALA B 182 -0.90 5.74 7.87
CA ALA B 182 -0.80 6.01 6.44
C ALA B 182 -1.54 7.28 6.05
N PHE B 183 -2.74 7.46 6.56
CA PHE B 183 -3.51 8.65 6.27
C PHE B 183 -2.78 9.89 6.76
N SER B 184 -2.27 9.86 7.99
CA SER B 184 -1.64 11.04 8.55
C SER B 184 -0.43 11.48 7.73
N LYS B 185 0.34 10.51 7.24
CA LYS B 185 1.48 10.82 6.39
C LYS B 185 1.04 11.40 5.05
N SER B 186 -0.05 10.89 4.49
CA SER B 186 -0.54 11.42 3.24
C SER B 186 -1.10 12.85 3.44
N GLU B 187 -1.83 13.04 4.53
CA GLU B 187 -2.42 14.33 4.82
C GLU B 187 -1.37 15.39 5.07
N THR B 188 -0.34 15.03 5.83
CA THR B 188 0.67 16.03 6.16
C THR B 188 1.41 16.52 4.91
N GLU B 189 1.56 15.66 3.92
CA GLU B 189 2.21 16.08 2.69
C GLU B 189 1.38 17.18 2.01
N ILE B 190 0.06 17.02 2.00
CA ILE B 190 -0.81 18.05 1.44
C ILE B 190 -0.76 19.32 2.29
N PHE B 191 -0.82 19.21 3.60
CA PHE B 191 -0.76 20.41 4.42
C PHE B 191 0.57 21.15 4.22
N GLN B 192 1.67 20.44 4.19
CA GLN B 192 2.98 21.06 4.02
C GLN B 192 3.07 21.72 2.66
N GLN B 193 2.59 21.06 1.62
CA GLN B 193 2.66 21.64 0.28
C GLN B 193 1.76 22.87 0.20
N THR B 194 0.63 22.84 0.88
CA THR B 194 -0.29 23.97 0.89
C THR B 194 0.36 25.19 1.59
N VAL B 195 0.98 24.94 2.73
CA VAL B 195 1.72 25.97 3.46
C VAL B 195 2.75 26.62 2.54
N LYS B 196 3.52 25.79 1.84
CA LYS B 196 4.51 26.32 0.92
C LYS B 196 3.87 27.06 -0.24
N ASP B 197 2.85 26.46 -0.85
CA ASP B 197 2.27 27.03 -2.06
C ASP B 197 1.62 28.36 -1.76
N GLN B 198 1.12 28.52 -0.55
CA GLN B 198 0.54 29.78 -0.09
C GLN B 198 1.58 30.86 0.24
N GLY B 199 2.86 30.52 0.32
CA GLY B 199 3.91 31.48 0.68
C GLY B 199 4.24 31.61 2.17
N LEU B 200 3.79 30.64 2.96
CA LEU B 200 4.03 30.66 4.40
C LEU B 200 5.35 29.96 4.74
N GLU B 201 5.83 30.20 5.96
N GLU B 201 5.84 30.20 5.95
CA GLU B 201 7.07 29.57 6.44
CA GLU B 201 7.06 29.56 6.41
C GLU B 201 6.74 28.25 7.11
C GLU B 201 6.74 28.25 7.11
N LEU B 202 7.46 27.20 6.73
CA LEU B 202 7.38 25.90 7.40
C LEU B 202 8.45 25.85 8.47
N VAL B 203 8.10 26.30 9.66
CA VAL B 203 9.13 26.52 10.65
C VAL B 203 9.60 25.22 11.27
N THR B 204 8.74 24.20 11.27
CA THR B 204 9.17 22.88 11.74
C THR B 204 8.18 21.82 11.31
N VAL B 205 8.68 20.59 11.18
CA VAL B 205 7.87 19.39 11.01
C VAL B 205 8.22 18.44 12.14
N GLN B 206 7.22 18.17 12.98
CA GLN B 206 7.38 17.31 14.16
C GLN B 206 6.60 16.02 13.96
N LYS B 207 7.21 14.90 14.34
CA LYS B 207 6.58 13.59 14.23
C LYS B 207 6.16 13.07 15.60
N PHE B 208 5.11 12.27 15.60
CA PHE B 208 4.69 11.52 16.79
C PHE B 208 4.09 10.19 16.32
N GLN B 209 3.72 9.35 17.26
CA GLN B 209 3.00 8.11 16.97
C GLN B 209 1.58 8.21 17.52
N THR B 210 0.62 7.56 16.87
CA THR B 210 -0.76 7.58 17.36
C THR B 210 -0.90 6.98 18.76
N THR B 211 0.05 6.14 19.17
CA THR B 211 0.01 5.50 20.47
C THR B 211 0.64 6.37 21.58
N ASP B 212 1.30 7.47 21.22
CA ASP B 212 1.97 8.29 22.21
C ASP B 212 0.96 8.98 23.11
N THR B 213 1.38 9.23 24.36
CA THR B 213 0.59 10.03 25.29
C THR B 213 1.30 11.30 25.74
N ASP B 214 2.62 11.38 25.51
CA ASP B 214 3.42 12.53 25.92
C ASP B 214 3.95 13.20 24.65
N PHE B 215 3.59 14.47 24.46
CA PHE B 215 4.02 15.26 23.31
C PHE B 215 4.84 16.50 23.73
N GLN B 216 5.37 16.49 24.95
CA GLN B 216 5.99 17.67 25.48
C GLN B 216 7.16 18.17 24.64
N SER B 217 8.04 17.28 24.23
CA SER B 217 9.23 17.73 23.53
C SER B 217 8.89 18.33 22.17
N GLN B 218 8.02 17.68 21.42
CA GLN B 218 7.64 18.21 20.11
C GLN B 218 6.88 19.53 20.25
N ALA B 219 5.97 19.60 21.21
CA ALA B 219 5.22 20.82 21.42
C ALA B 219 6.14 21.98 21.79
N THR B 220 7.09 21.72 22.68
CA THR B 220 8.04 22.76 23.07
C THR B 220 8.92 23.20 21.89
N ASN B 221 9.42 22.25 21.10
CA ASN B 221 10.19 22.56 19.89
C ASN B 221 9.45 23.53 19.01
N ALA B 222 8.17 23.24 18.77
CA ALA B 222 7.37 24.12 17.93
C ALA B 222 7.12 25.47 18.59
N ILE B 223 6.72 25.46 19.86
CA ILE B 223 6.39 26.69 20.57
C ILE B 223 7.56 27.67 20.56
N ASN B 224 8.78 27.18 20.69
CA ASN B 224 9.93 28.06 20.75
C ASN B 224 10.23 28.75 19.44
N LEU B 225 9.63 28.28 18.34
CA LEU B 225 9.73 28.95 17.05
C LEU B 225 8.65 30.01 16.86
N LYS B 226 7.76 30.16 17.84
CA LYS B 226 6.70 31.16 17.81
C LYS B 226 5.86 31.11 16.53
N PRO B 227 5.28 29.95 16.24
CA PRO B 227 4.42 29.84 15.06
C PRO B 227 3.12 30.60 15.26
N ASP B 228 2.54 31.01 14.15
CA ASP B 228 1.23 31.64 14.14
C ASP B 228 0.11 30.62 13.92
N LEU B 229 0.48 29.45 13.39
CA LEU B 229 -0.46 28.40 13.05
C LEU B 229 0.23 27.08 13.32
N VAL B 230 -0.51 26.15 13.90
CA VAL B 230 -0.08 24.76 14.10
C VAL B 230 -1.07 23.87 13.36
N ILE B 231 -0.57 22.90 12.61
CA ILE B 231 -1.38 21.93 11.89
C ILE B 231 -1.06 20.54 12.41
N ILE B 232 -2.10 19.77 12.73
CA ILE B 232 -1.93 18.43 13.29
C ILE B 232 -2.63 17.39 12.42
N SER B 233 -1.85 16.41 11.93
CA SER B 233 -2.40 15.23 11.25
C SER B 233 -2.17 14.01 12.14
N GLY B 234 -3.20 13.59 12.85
CA GLY B 234 -3.19 12.34 13.59
C GLY B 234 -4.61 11.82 13.64
N LEU B 235 -4.87 10.93 14.60
CA LEU B 235 -6.23 10.49 14.87
C LEU B 235 -6.76 11.27 16.08
N ALA B 236 -7.85 10.81 16.69
CA ALA B 236 -8.61 11.66 17.58
C ALA B 236 -8.05 11.69 19.01
N ALA B 237 -7.78 10.53 19.60
CA ALA B 237 -7.23 10.51 20.95
C ALA B 237 -5.84 11.16 20.98
N ASP B 238 -4.99 10.79 20.04
CA ASP B 238 -3.67 11.37 19.96
C ASP B 238 -3.73 12.85 19.56
N GLY B 239 -4.46 13.16 18.50
CA GLY B 239 -4.53 14.55 18.04
C GLY B 239 -5.12 15.47 19.09
N GLY B 240 -6.18 15.03 19.75
CA GLY B 240 -6.80 15.85 20.77
C GLY B 240 -5.87 16.08 21.95
N ASN B 241 -5.10 15.07 22.34
CA ASN B 241 -4.16 15.24 23.44
C ASN B 241 -2.99 16.14 23.06
N LEU B 242 -2.59 16.12 21.81
CA LEU B 242 -1.56 17.04 21.34
C LEU B 242 -2.09 18.49 21.39
N VAL B 243 -3.32 18.71 20.95
CA VAL B 243 -3.95 20.03 21.09
C VAL B 243 -3.90 20.49 22.55
N ARG B 244 -4.33 19.62 23.44
CA ARG B 244 -4.37 19.94 24.85
CA ARG B 244 -4.32 19.90 24.88
C ARG B 244 -2.97 20.33 25.35
N GLN B 245 -1.97 19.52 25.02
CA GLN B 245 -0.63 19.75 25.53
C GLN B 245 0.00 21.02 24.96
N LEU B 246 -0.27 21.32 23.70
CA LEU B 246 0.17 22.59 23.12
C LEU B 246 -0.41 23.78 23.87
N ARG B 247 -1.72 23.74 24.12
CA ARG B 247 -2.38 24.83 24.84
C ARG B 247 -1.85 24.95 26.26
N GLU B 248 -1.65 23.81 26.93
CA GLU B 248 -1.15 23.82 28.31
C GLU B 248 0.25 24.41 28.39
N LEU B 249 1.04 24.26 27.35
CA LEU B 249 2.39 24.80 27.29
C LEU B 249 2.40 26.26 26.81
N GLY B 250 1.23 26.84 26.63
CA GLY B 250 1.09 28.27 26.41
C GLY B 250 0.94 28.69 24.96
N TYR B 251 0.78 27.76 24.03
CA TYR B 251 0.58 28.14 22.64
C TYR B 251 -0.80 28.77 22.48
N GLN B 252 -0.84 29.99 21.94
CA GLN B 252 -2.09 30.75 21.83
C GLN B 252 -2.54 30.99 20.40
N GLY B 253 -1.76 30.50 19.44
CA GLY B 253 -2.05 30.73 18.04
C GLY B 253 -3.13 29.82 17.49
N ALA B 254 -3.32 29.89 16.18
CA ALA B 254 -4.34 29.11 15.52
C ALA B 254 -3.93 27.64 15.44
N ILE B 255 -4.93 26.76 15.39
CA ILE B 255 -4.71 25.33 15.23
C ILE B 255 -5.66 24.78 14.19
N ILE B 256 -5.13 24.00 13.27
CA ILE B 256 -5.91 23.17 12.35
C ILE B 256 -5.71 21.72 12.75
N GLY B 257 -6.82 21.00 12.82
CA GLY B 257 -6.80 19.55 12.90
C GLY B 257 -7.20 18.94 11.57
N GLY B 258 -6.52 17.86 11.20
CA GLY B 258 -6.89 17.11 10.03
C GLY B 258 -8.09 16.19 10.25
N ASN B 259 -8.36 15.37 9.26
CA ASN B 259 -9.57 14.58 9.24
C ASN B 259 -9.64 13.58 10.36
N GLY B 260 -8.49 13.14 10.88
CA GLY B 260 -8.50 12.17 11.97
C GLY B 260 -8.99 12.73 13.28
N LEU B 261 -8.98 14.06 13.41
CA LEU B 261 -9.53 14.74 14.59
C LEU B 261 -11.00 15.11 14.39
N ASN B 262 -11.55 14.80 13.22
CA ASN B 262 -12.86 15.31 12.82
C ASN B 262 -13.99 14.44 13.33
N THR B 263 -14.07 14.32 14.64
CA THR B 263 -15.09 13.52 15.28
C THR B 263 -15.50 14.30 16.53
N SER B 264 -16.79 14.31 16.81
CA SER B 264 -17.23 14.98 18.02
C SER B 264 -16.65 14.35 19.28
N ASN B 265 -16.17 13.12 19.18
CA ASN B 265 -15.52 12.52 20.33
C ASN B 265 -14.21 13.20 20.72
N VAL B 266 -13.64 14.02 19.83
CA VAL B 266 -12.44 14.76 20.21
C VAL B 266 -12.74 15.79 21.29
N PHE B 267 -13.99 16.24 21.40
CA PHE B 267 -14.34 17.27 22.38
C PHE B 267 -14.08 16.78 23.80
N ALA B 268 -14.24 15.48 24.02
CA ALA B 268 -14.01 14.89 25.33
C ALA B 268 -12.52 14.65 25.63
N VAL B 269 -11.65 14.90 24.66
CA VAL B 269 -10.21 14.74 24.82
C VAL B 269 -9.61 16.10 25.18
N CYS B 270 -9.72 17.09 24.29
CA CYS B 270 -9.15 18.39 24.61
C CYS B 270 -10.03 19.33 25.48
N LYS B 271 -11.30 18.97 25.69
CA LYS B 271 -12.17 19.75 26.57
C LYS B 271 -12.21 21.22 26.11
N ALA B 272 -12.21 22.19 27.02
CA ALA B 272 -12.29 23.59 26.60
C ALA B 272 -11.12 23.96 25.69
N LEU B 273 -10.00 23.24 25.83
CA LEU B 273 -8.82 23.52 25.04
C LEU B 273 -8.96 23.11 23.57
N CYS B 274 -10.05 22.42 23.19
CA CYS B 274 -10.38 22.22 21.78
C CYS B 274 -10.86 23.52 21.10
N ASP B 275 -11.27 24.51 21.89
CA ASP B 275 -11.97 25.66 21.33
C ASP B 275 -11.11 26.37 20.29
N GLY B 276 -11.71 26.64 19.13
CA GLY B 276 -11.04 27.37 18.07
C GLY B 276 -10.35 26.52 17.02
N VAL B 277 -10.17 25.23 17.26
CA VAL B 277 -9.54 24.36 16.28
C VAL B 277 -10.38 24.36 15.00
N LEU B 278 -9.70 24.52 13.87
CA LEU B 278 -10.32 24.49 12.54
C LEU B 278 -10.15 23.13 11.91
N ILE B 279 -11.24 22.59 11.37
CA ILE B 279 -11.21 21.28 10.71
C ILE B 279 -12.04 21.35 9.45
N ALA B 280 -11.43 21.01 8.32
CA ALA B 280 -12.13 20.96 7.04
C ALA B 280 -13.20 19.87 7.05
N GLN B 281 -14.24 20.07 6.26
CA GLN B 281 -15.40 19.20 6.25
C GLN B 281 -15.84 18.86 4.84
N ALA B 282 -16.26 17.61 4.65
CA ALA B 282 -16.80 17.13 3.39
C ALA B 282 -18.33 16.89 3.49
N TYR B 283 -18.95 17.57 4.45
CA TYR B 283 -20.36 17.42 4.79
C TYR B 283 -20.79 18.65 5.55
N SER B 284 -22.00 19.14 5.28
CA SER B 284 -22.60 20.16 6.13
C SER B 284 -24.01 19.75 6.56
N PRO B 285 -24.30 19.79 7.88
CA PRO B 285 -25.67 19.51 8.33
C PRO B 285 -26.72 20.40 7.66
N GLU B 286 -26.34 21.61 7.26
CA GLU B 286 -27.28 22.57 6.70
C GLU B 286 -27.47 22.43 5.20
N TYR B 287 -26.74 21.53 4.56
CA TYR B 287 -26.96 21.29 3.13
C TYR B 287 -28.43 20.87 2.92
N THR B 288 -29.10 21.49 1.94
CA THR B 288 -30.55 21.41 1.84
C THR B 288 -31.08 20.22 1.04
N GLY B 289 -30.21 19.32 0.60
CA GLY B 289 -30.67 18.15 -0.13
C GLY B 289 -31.73 17.39 0.66
N GLU B 290 -32.74 16.90 -0.04
CA GLU B 290 -33.85 16.18 0.59
C GLU B 290 -33.38 15.04 1.48
N ILE B 291 -32.45 14.23 1.01
CA ILE B 291 -32.02 13.10 1.80
C ILE B 291 -31.20 13.56 3.00
N ASN B 292 -30.43 14.63 2.86
CA ASN B 292 -29.75 15.18 4.02
C ASN B 292 -30.76 15.61 5.07
N LYS B 293 -31.85 16.25 4.66
CA LYS B 293 -32.85 16.68 5.63
C LYS B 293 -33.39 15.50 6.44
N ALA B 294 -33.64 14.38 5.76
CA ALA B 294 -34.13 13.18 6.43
C ALA B 294 -33.07 12.53 7.32
N PHE B 295 -31.85 12.43 6.82
CA PHE B 295 -30.75 11.89 7.60
C PHE B 295 -30.49 12.72 8.83
N ARG B 296 -30.43 14.04 8.65
CA ARG B 296 -30.19 14.97 9.75
CA ARG B 296 -30.18 14.94 9.76
C ARG B 296 -31.29 14.82 10.81
N GLN B 297 -32.54 14.76 10.38
CA GLN B 297 -33.62 14.68 11.35
C GLN B 297 -33.52 13.40 12.17
N ALA B 298 -33.22 12.29 11.51
CA ALA B 298 -33.06 11.02 12.21
C ALA B 298 -31.91 11.10 13.21
N TYR B 299 -30.81 11.69 12.79
CA TYR B 299 -29.64 11.80 13.66
C TYR B 299 -29.93 12.68 14.88
N VAL B 300 -30.49 13.87 14.63
CA VAL B 300 -30.76 14.80 15.71
C VAL B 300 -31.80 14.23 16.67
N ASP B 301 -32.81 13.55 16.13
CA ASP B 301 -33.85 12.95 16.96
C ASP B 301 -33.21 12.00 17.97
N GLN B 302 -32.21 11.25 17.53
CA GLN B 302 -31.65 10.19 18.35
C GLN B 302 -30.53 10.67 19.28
N TYR B 303 -29.66 11.55 18.77
CA TYR B 303 -28.44 11.91 19.49
C TYR B 303 -28.44 13.33 20.05
N LYS B 304 -29.41 14.14 19.65
CA LYS B 304 -29.55 15.51 20.18
C LYS B 304 -28.35 16.40 19.87
N LYS B 305 -27.58 16.03 18.86
CA LYS B 305 -26.48 16.83 18.34
C LYS B 305 -26.60 16.78 16.82
N GLU B 306 -25.96 17.73 16.14
CA GLU B 306 -25.93 17.70 14.68
C GLU B 306 -25.10 16.52 14.18
N PRO B 307 -25.48 15.95 13.03
CA PRO B 307 -24.72 14.83 12.49
C PRO B 307 -23.31 15.24 12.11
N PRO B 308 -22.31 14.44 12.52
CA PRO B 308 -20.95 14.72 12.11
C PRO B 308 -20.63 14.11 10.74
N GLN B 309 -19.55 14.60 10.16
CA GLN B 309 -19.12 14.14 8.85
C GLN B 309 -19.06 12.62 8.74
N PHE B 310 -18.43 11.95 9.69
CA PHE B 310 -18.22 10.52 9.52
C PHE B 310 -19.55 9.76 9.52
N SER B 311 -20.54 10.25 10.25
CA SER B 311 -21.87 9.63 10.22
C SER B 311 -22.51 9.79 8.84
N ALA B 312 -22.42 10.99 8.29
CA ALA B 312 -22.96 11.28 6.96
C ALA B 312 -22.27 10.45 5.87
N GLN B 313 -20.96 10.31 5.96
CA GLN B 313 -20.23 9.56 4.96
C GLN B 313 -20.55 8.06 5.05
N ALA B 314 -20.72 7.54 6.26
CA ALA B 314 -21.12 6.16 6.41
C ALA B 314 -22.53 5.92 5.82
N PHE B 315 -23.44 6.85 6.09
CA PHE B 315 -24.78 6.78 5.49
C PHE B 315 -24.65 6.76 3.96
N ALA B 316 -23.83 7.64 3.43
CA ALA B 316 -23.68 7.73 1.98
C ALA B 316 -23.15 6.43 1.38
N ALA B 317 -22.22 5.77 2.08
CA ALA B 317 -21.71 4.50 1.59
C ALA B 317 -22.80 3.45 1.52
N VAL B 318 -23.63 3.36 2.56
CA VAL B 318 -24.76 2.43 2.53
C VAL B 318 -25.73 2.81 1.41
N GLN B 319 -26.02 4.09 1.25
CA GLN B 319 -26.88 4.58 0.18
C GLN B 319 -26.38 4.14 -1.20
N VAL B 320 -25.07 4.25 -1.44
CA VAL B 320 -24.51 3.83 -2.71
C VAL B 320 -24.85 2.36 -2.96
N TYR B 321 -24.66 1.52 -1.95
CA TYR B 321 -25.01 0.13 -2.11
C TYR B 321 -26.51 -0.09 -2.35
N VAL B 322 -27.36 0.56 -1.57
CA VAL B 322 -28.80 0.36 -1.73
C VAL B 322 -29.25 0.80 -3.12
N GLU B 323 -28.86 2.00 -3.53
CA GLU B 323 -29.34 2.51 -4.80
C GLU B 323 -28.75 1.73 -5.96
N SER B 324 -27.53 1.25 -5.84
CA SER B 324 -26.93 0.41 -6.87
CA SER B 324 -26.96 0.44 -6.91
C SER B 324 -27.61 -0.95 -6.95
N LEU B 325 -27.91 -1.54 -5.79
CA LEU B 325 -28.65 -2.78 -5.78
C LEU B 325 -30.02 -2.61 -6.43
N LYS B 326 -30.70 -1.50 -6.14
CA LYS B 326 -31.99 -1.22 -6.77
C LYS B 326 -31.84 -1.12 -8.28
N ALA B 327 -30.83 -0.41 -8.75
CA ALA B 327 -30.63 -0.21 -10.19
C ALA B 327 -30.31 -1.53 -10.88
N LEU B 328 -29.44 -2.31 -10.27
CA LEU B 328 -29.06 -3.61 -10.80
C LEU B 328 -30.29 -4.53 -10.85
N ASP B 329 -31.02 -4.59 -9.74
CA ASP B 329 -32.17 -5.48 -9.63
C ASP B 329 -33.26 -5.14 -10.64
N THR B 330 -33.43 -3.85 -10.94
CA THR B 330 -34.38 -3.42 -11.96
C THR B 330 -34.00 -3.99 -13.33
N LYS B 331 -32.71 -3.96 -13.64
CA LYS B 331 -32.24 -4.42 -14.92
C LYS B 331 -32.22 -5.93 -15.05
N ASN B 332 -31.83 -6.57 -13.96
CA ASN B 332 -31.71 -8.02 -13.89
C ASN B 332 -31.88 -8.43 -12.44
N LYS B 333 -33.01 -9.07 -12.15
CA LYS B 333 -33.39 -9.42 -10.78
C LYS B 333 -32.27 -10.16 -10.05
N VAL B 334 -31.87 -9.64 -8.90
CA VAL B 334 -30.70 -10.21 -8.24
C VAL B 334 -30.99 -11.61 -7.70
N SER B 335 -32.26 -11.95 -7.50
CA SER B 335 -32.61 -13.28 -7.02
C SER B 335 -32.32 -14.38 -8.06
N LYS B 336 -32.04 -13.99 -9.29
CA LYS B 336 -31.81 -14.95 -10.37
C LYS B 336 -30.34 -15.31 -10.60
N ILE B 337 -29.42 -14.64 -9.91
CA ILE B 337 -28.00 -14.92 -10.07
C ILE B 337 -27.36 -15.31 -8.74
N GLN B 338 -26.14 -15.83 -8.84
CA GLN B 338 -25.40 -16.34 -7.70
C GLN B 338 -24.47 -15.27 -7.15
N LEU B 339 -23.97 -15.49 -5.94
CA LEU B 339 -23.27 -14.45 -5.20
C LEU B 339 -22.02 -13.92 -5.92
N PRO B 340 -21.18 -14.77 -6.51
CA PRO B 340 -19.99 -14.19 -7.15
C PRO B 340 -20.34 -13.22 -8.27
N GLU B 341 -21.33 -13.58 -9.09
CA GLU B 341 -21.79 -12.70 -10.16
C GLU B 341 -22.47 -11.45 -9.59
N LEU B 342 -23.24 -11.60 -8.53
CA LEU B 342 -23.90 -10.46 -7.92
C LEU B 342 -22.87 -9.44 -7.45
N ARG B 343 -21.81 -9.92 -6.79
CA ARG B 343 -20.77 -9.04 -6.32
C ARG B 343 -20.11 -8.26 -7.47
N THR B 344 -19.78 -8.97 -8.54
CA THR B 344 -19.14 -8.33 -9.68
C THR B 344 -20.08 -7.34 -10.38
N GLU B 345 -21.34 -7.72 -10.55
CA GLU B 345 -22.28 -6.81 -11.19
C GLU B 345 -22.63 -5.62 -10.31
N LEU B 346 -22.65 -5.82 -8.99
CA LEU B 346 -22.88 -4.72 -8.07
C LEU B 346 -21.75 -3.71 -8.12
N ASN B 347 -20.52 -4.20 -8.11
CA ASN B 347 -19.36 -3.34 -8.25
C ASN B 347 -19.43 -2.52 -9.54
N LYS B 348 -19.72 -3.19 -10.65
CA LYS B 348 -19.80 -2.51 -11.93
C LYS B 348 -20.90 -1.43 -11.89
N GLN B 349 -22.07 -1.78 -11.36
CA GLN B 349 -23.18 -0.85 -11.29
C GLN B 349 -22.83 0.36 -10.43
N LEU B 350 -22.27 0.14 -9.25
CA LEU B 350 -22.13 1.25 -8.32
C LEU B 350 -21.20 2.32 -8.90
N LEU B 351 -20.19 1.89 -9.65
CA LEU B 351 -19.26 2.84 -10.24
C LEU B 351 -19.92 3.77 -11.27
N THR B 352 -21.06 3.35 -11.82
CA THR B 352 -21.74 4.15 -12.84
C THR B 352 -22.79 5.09 -12.26
N GLY B 353 -23.11 4.97 -10.98
CA GLY B 353 -24.25 5.67 -10.43
C GLY B 353 -23.99 7.12 -10.07
N LYS B 354 -25.09 7.86 -10.01
CA LYS B 354 -25.12 9.22 -9.48
C LYS B 354 -26.05 9.19 -8.28
N TYR B 355 -25.61 9.79 -7.18
CA TYR B 355 -26.31 9.66 -5.90
C TYR B 355 -26.47 11.01 -5.24
N ASN B 356 -27.69 11.32 -4.82
CA ASN B 356 -27.97 12.53 -4.07
C ASN B 356 -27.95 12.15 -2.60
N THR B 357 -26.81 12.39 -1.96
CA THR B 357 -26.54 11.86 -0.61
C THR B 357 -26.50 12.98 0.41
N PRO B 358 -26.30 12.66 1.70
CA PRO B 358 -26.15 13.77 2.65
C PRO B 358 -24.95 14.68 2.34
N LEU B 359 -23.96 14.13 1.63
CA LEU B 359 -22.74 14.85 1.23
C LEU B 359 -22.95 15.76 0.04
N GLY B 360 -24.15 15.73 -0.54
CA GLY B 360 -24.41 16.34 -1.82
C GLY B 360 -24.48 15.30 -2.93
N GLU B 361 -24.54 15.80 -4.15
CA GLU B 361 -24.55 14.94 -5.32
C GLU B 361 -23.15 14.40 -5.55
N ILE B 362 -23.00 13.08 -5.54
CA ILE B 362 -21.71 12.47 -5.78
C ILE B 362 -21.84 11.38 -6.82
N SER B 363 -20.68 11.01 -7.35
CA SER B 363 -20.56 9.95 -8.33
C SER B 363 -19.11 9.48 -8.25
N PHE B 364 -18.72 8.58 -9.15
CA PHE B 364 -17.37 8.04 -9.16
C PHE B 364 -16.74 8.20 -10.52
N THR B 365 -15.42 8.32 -10.52
CA THR B 365 -14.69 8.12 -11.74
C THR B 365 -14.45 6.61 -11.93
N PRO B 366 -13.98 6.19 -13.10
CA PRO B 366 -13.89 4.75 -13.33
C PRO B 366 -12.96 4.03 -12.37
N ILE B 367 -11.97 4.72 -11.82
CA ILE B 367 -11.04 4.13 -10.86
C ILE B 367 -11.63 4.03 -9.45
N GLY B 368 -12.80 4.62 -9.23
CA GLY B 368 -13.46 4.53 -7.93
C GLY B 368 -13.23 5.72 -7.03
N GLU B 369 -12.68 6.81 -7.59
CA GLU B 369 -12.53 8.05 -6.84
C GLU B 369 -13.87 8.77 -6.76
N VAL B 370 -14.12 9.42 -5.63
CA VAL B 370 -15.34 10.16 -5.47
C VAL B 370 -15.29 11.49 -6.21
N VAL B 371 -16.43 11.85 -6.78
CA VAL B 371 -16.65 13.14 -7.41
C VAL B 371 -17.58 13.90 -6.49
N GLN B 372 -17.09 15.01 -5.94
CA GLN B 372 -17.84 15.79 -4.96
C GLN B 372 -17.40 17.25 -5.07
N LYS B 373 -18.36 18.16 -5.14
CA LYS B 373 -18.07 19.57 -5.41
C LYS B 373 -17.83 20.44 -4.16
N ASP B 374 -18.63 20.24 -3.12
CA ASP B 374 -18.70 21.21 -2.03
C ASP B 374 -18.03 20.76 -0.76
N PHE B 375 -17.20 21.67 -0.24
CA PHE B 375 -16.47 21.48 1.00
C PHE B 375 -16.66 22.69 1.88
N TYR B 376 -16.33 22.52 3.16
CA TYR B 376 -16.55 23.54 4.17
C TYR B 376 -15.40 23.51 5.14
N VAL B 377 -15.38 24.48 6.04
CA VAL B 377 -14.52 24.42 7.22
C VAL B 377 -15.38 24.75 8.43
N ALA B 378 -15.16 24.00 9.50
CA ALA B 378 -15.82 24.26 10.77
C ALA B 378 -14.79 24.54 11.85
N GLN B 379 -15.25 25.24 12.88
CA GLN B 379 -14.41 25.62 14.00
C GLN B 379 -15.03 25.06 15.26
N ILE B 380 -14.26 24.38 16.08
CA ILE B 380 -14.80 23.83 17.32
C ILE B 380 -15.15 24.97 18.26
N LYS B 381 -16.37 24.94 18.78
CA LYS B 381 -16.82 25.89 19.79
C LYS B 381 -17.19 25.10 21.05
N MSE B 382 -16.42 25.29 22.11
CA MSE B 382 -16.65 24.57 23.36
C MSE B 382 -17.40 25.43 24.35
O MSE B 382 -17.19 26.65 24.41
CB MSE B 382 -15.33 24.17 24.01
CG MSE B 382 -14.47 23.26 23.17
SE MSE B 382 -15.27 21.53 22.78
CE MSE B 382 -15.58 20.94 24.60
H MSE B 382 -15.75 25.83 22.13
HA MSE B 382 -17.16 23.77 23.18
HB2 MSE B 382 -14.81 24.98 24.18
HB3 MSE B 382 -15.51 23.72 24.85
HG2 MSE B 382 -14.28 23.70 22.33
HG3 MSE B 382 -13.64 23.09 23.65
HE1 MSE B 382 -16.00 20.05 24.58
HE2 MSE B 382 -14.73 20.89 25.07
HE3 MSE B 382 -16.17 21.56 25.04
N GLU B 383 -18.25 24.82 25.17
CA GLU B 383 -18.81 25.53 26.30
C GLU B 383 -17.66 25.84 27.25
N LYS B 384 -17.82 26.90 28.05
CA LYS B 384 -16.73 27.38 28.91
C LYS B 384 -16.20 26.29 29.86
N ASP B 385 -17.09 25.47 30.39
CA ASP B 385 -16.68 24.43 31.32
C ASP B 385 -16.12 23.18 30.64
N GLY B 386 -16.10 23.18 29.30
CA GLY B 386 -15.50 22.10 28.55
C GLY B 386 -16.35 20.85 28.38
N SER B 387 -17.60 20.88 28.87
CA SER B 387 -18.41 19.66 28.95
C SER B 387 -19.20 19.32 27.69
N GLN B 388 -19.29 20.26 26.76
CA GLN B 388 -20.03 20.07 25.52
C GLN B 388 -19.38 20.95 24.47
N GLY B 389 -19.47 20.54 23.20
CA GLY B 389 -19.02 21.37 22.11
C GLY B 389 -19.79 21.09 20.84
N LYS B 390 -19.46 21.87 19.83
CA LYS B 390 -20.05 21.70 18.52
C LYS B 390 -19.10 22.20 17.44
N PHE B 391 -19.33 21.73 16.22
CA PHE B 391 -18.65 22.22 15.04
C PHE B 391 -19.45 23.36 14.45
N THR B 392 -18.90 24.56 14.50
CA THR B 392 -19.56 25.74 13.94
C THR B 392 -19.03 26.00 12.55
N PHE B 393 -19.93 25.97 11.58
CA PHE B 393 -19.52 26.08 10.19
C PHE B 393 -19.25 27.52 9.80
N LEU B 394 -18.10 27.75 9.18
CA LEU B 394 -17.75 29.06 8.68
C LEU B 394 -18.57 29.33 7.42
N LYS B 395 -19.03 30.56 7.29
CA LYS B 395 -19.77 30.98 6.10
C LYS B 395 -18.80 31.58 5.08
C PYR C . 8.36 -6.95 -7.18
O PYR C . 8.62 -5.82 -6.61
OXT PYR C . 7.25 -7.58 -6.95
CA PYR C . 9.31 -7.51 -8.07
O3 PYR C . 10.32 -6.81 -8.47
CB PYR C . 9.15 -8.92 -8.56
HB1 PYR C . 8.51 -8.94 -9.44
HB2 PYR C . 10.14 -9.32 -8.82
HB3 PYR C . 8.72 -9.53 -7.78
MG MG D . 11.71 0.65 6.60
C FMT E . 19.15 -13.62 -14.67
C FMT E . 18.64 -12.95 -13.53
O1 FMT E . 19.62 -12.98 -13.72
O1 FMT E . 18.00 -13.90 -14.02
O2 FMT E . 18.05 -14.21 -14.62
O2 FMT E . 19.87 -12.84 -13.60
H FMT E . 19.71 -13.70 -15.60
H FMT E . 18.11 -12.16 -12.99
HO2 FMT E . 17.52 -14.17 -13.81
HO2 FMT E . 20.40 -13.52 -14.08
C PYR F . -8.12 7.90 6.90
O PYR F . -7.66 6.95 7.64
OXT PYR F . -7.89 7.96 5.62
CA PYR F . -8.91 8.92 7.49
O3 PYR F . -9.22 9.99 6.83
CB PYR F . -9.41 8.77 8.89
HB1 PYR F . -8.66 9.14 9.59
HB2 PYR F . -10.33 9.35 9.00
HB3 PYR F . -9.62 7.72 9.10
MG MG G . -10.83 1.45 -7.53
#